data_8AUB
#
_entry.id   8AUB
#
_cell.length_a   49.794
_cell.length_b   88.397
_cell.length_c   89.921
_cell.angle_alpha   90.000
_cell.angle_beta   99.904
_cell.angle_gamma   90.000
#
_symmetry.space_group_name_H-M   'P 1 21 1'
#
loop_
_entity.id
_entity.type
_entity.pdbx_description
1 polymer '12-oxophytodienoate reductase 3'
2 non-polymer 'FLAVIN MONONUCLEOTIDE'
3 non-polymer 'ethyl (2~{Z})-2-hydroxyimino-3-oxidanylidene-pentanoate'
4 non-polymer DI(HYDROXYETHYL)ETHER
5 water water
#
_entity_poly.entity_id   1
_entity_poly.type   'polypeptide(L)'
_entity_poly.pdbx_seq_one_letter_code
;HHHHHHMASSAQDGNNPLFSPYKMGKFNLSHRVVLAPMTRCRALNNIPQAALGEYYEQRATAGGFLITEGTMISPTSAGF
PHVPGIFTKEQVREWKKIVDVVHAKGAVIFCQLWHVGRASHEVYQPAGAAPISSTEKPISNRWRILMPDGTHGIYPKPRA
IGTYEISQVVEDYRRSALNAIEAGFDGIEIHGAHGYLIDQFLKDGINDRTDEYGGSLANRCKFITQVVQAVVSAIGADRV
GVRVSPAIDHLDAMDSNPLSLGLAVVERLNKIQLHSGSKLAYLHVTQPRYVAYGQTEAGRLGSEEEEARLMRTLRNAYQG
TFICSGGYTRELGIEAVAQGDADLVSYGRLFISNPDLVMRIKLNAPLNKYNRKTFYTQDPVVGYTDYPFLQGNGSNGPLS
RL
;
_entity_poly.pdbx_strand_id   A,B
#
loop_
_chem_comp.id
_chem_comp.type
_chem_comp.name
_chem_comp.formula
FMN non-polymer 'FLAVIN MONONUCLEOTIDE' 'C17 H21 N4 O9 P'
O8I non-polymer 'ethyl (2~{Z})-2-hydroxyimino-3-oxidanylidene-pentanoate' 'C7 H11 N O4'
PEG non-polymer DI(HYDROXYETHYL)ETHER 'C4 H10 O3'
#
# COMPACT_ATOMS: atom_id res chain seq x y z
N ASN A 15 18.30 0.10 -40.92
CA ASN A 15 19.59 -0.52 -40.63
C ASN A 15 19.56 -1.31 -39.31
N ASN A 16 18.69 -0.88 -38.40
CA ASN A 16 18.53 -1.55 -37.10
C ASN A 16 17.38 -2.54 -37.20
N PRO A 17 17.64 -3.85 -37.06
CA PRO A 17 16.56 -4.84 -37.24
C PRO A 17 15.48 -4.78 -36.18
N LEU A 18 15.77 -4.18 -35.03
CA LEU A 18 14.70 -3.91 -34.07
C LEU A 18 13.63 -2.97 -34.63
N PHE A 19 13.93 -2.21 -35.68
CA PHE A 19 12.97 -1.29 -36.24
C PHE A 19 12.51 -1.69 -37.65
N SER A 20 12.60 -2.98 -37.95
CA SER A 20 11.82 -3.41 -39.09
C SER A 20 10.43 -3.84 -38.64
N PRO A 21 9.38 -3.43 -39.34
CA PRO A 21 8.01 -3.74 -38.88
C PRO A 21 7.78 -5.24 -38.83
N TYR A 22 6.77 -5.62 -38.05
CA TYR A 22 6.46 -7.03 -37.85
C TYR A 22 4.96 -7.17 -37.69
N LYS A 23 4.38 -8.12 -38.41
CA LYS A 23 2.95 -8.42 -38.32
C LYS A 23 2.75 -9.48 -37.25
N MET A 24 2.22 -9.07 -36.10
CA MET A 24 1.93 -10.02 -35.03
C MET A 24 0.47 -10.42 -35.14
N GLY A 25 0.21 -11.37 -36.03
CA GLY A 25 -1.15 -11.72 -36.36
C GLY A 25 -1.85 -10.56 -37.03
N LYS A 26 -2.86 -9.98 -36.39
CA LYS A 26 -3.58 -8.87 -36.98
C LYS A 26 -3.01 -7.51 -36.59
N PHE A 27 -2.03 -7.47 -35.70
CA PHE A 27 -1.45 -6.21 -35.23
C PHE A 27 -0.18 -5.92 -36.03
N ASN A 28 -0.17 -4.80 -36.75
CA ASN A 28 1.05 -4.34 -37.42
C ASN A 28 1.87 -3.56 -36.41
N LEU A 29 2.99 -4.15 -35.98
CA LEU A 29 3.92 -3.46 -35.10
C LEU A 29 4.95 -2.71 -35.93
N SER A 30 5.31 -1.51 -35.47
CA SER A 30 6.31 -0.72 -36.19
C SER A 30 7.74 -1.03 -35.76
N HIS A 31 7.92 -1.73 -34.65
CA HIS A 31 9.23 -2.11 -34.19
C HIS A 31 9.06 -3.31 -33.26
N ARG A 32 10.18 -3.88 -32.86
CA ARG A 32 10.20 -5.18 -32.19
C ARG A 32 10.61 -5.08 -30.73
N VAL A 33 10.67 -3.87 -30.18
CA VAL A 33 10.97 -3.65 -28.77
C VAL A 33 9.68 -3.72 -27.97
N VAL A 34 9.58 -4.72 -27.10
CA VAL A 34 8.35 -4.98 -26.36
C VAL A 34 8.56 -4.64 -24.89
N LEU A 35 7.54 -4.02 -24.29
CA LEU A 35 7.51 -3.85 -22.84
C LEU A 35 7.19 -5.18 -22.19
N ALA A 36 8.16 -5.76 -21.50
CA ALA A 36 7.94 -7.02 -20.81
C ALA A 36 6.97 -6.83 -19.64
N PRO A 37 6.18 -7.87 -19.31
CA PRO A 37 5.24 -7.77 -18.20
C PRO A 37 5.97 -7.64 -16.87
N MET A 38 5.67 -6.58 -16.12
CA MET A 38 6.39 -6.33 -14.88
C MET A 38 5.45 -5.94 -13.75
N THR A 39 5.35 -6.80 -12.76
N THR A 39 5.34 -6.80 -12.74
CA THR A 39 4.73 -6.46 -11.48
CA THR A 39 4.76 -6.40 -11.48
C THR A 39 5.42 -5.26 -10.85
C THR A 39 5.44 -5.16 -10.96
N ARG A 40 4.65 -4.21 -10.52
CA ARG A 40 5.19 -3.02 -9.88
C ARG A 40 4.42 -2.62 -8.62
N CYS A 41 3.24 -3.20 -8.37
CA CYS A 41 2.57 -3.09 -7.08
C CYS A 41 2.06 -1.68 -6.80
N ARG A 42 1.67 -0.94 -7.85
CA ARG A 42 1.02 0.34 -7.68
C ARG A 42 -0.50 0.27 -7.79
N ALA A 43 -1.06 -0.92 -8.06
CA ALA A 43 -2.52 -1.04 -8.25
C ALA A 43 -3.15 -1.30 -6.89
N LEU A 44 -3.25 -0.22 -6.10
CA LEU A 44 -3.68 -0.33 -4.72
C LEU A 44 -5.00 -1.07 -4.59
N ASN A 45 -5.05 -2.02 -3.66
CA ASN A 45 -6.24 -2.83 -3.37
C ASN A 45 -6.68 -3.61 -4.59
N ASN A 46 -5.72 -3.94 -5.46
CA ASN A 46 -5.91 -4.69 -6.70
C ASN A 46 -6.72 -3.92 -7.73
N ILE A 47 -6.89 -2.62 -7.56
CA ILE A 47 -7.62 -1.78 -8.50
C ILE A 47 -6.61 -1.02 -9.36
N PRO A 48 -6.65 -1.15 -10.68
CA PRO A 48 -5.79 -0.30 -11.51
C PRO A 48 -5.98 1.18 -11.12
N GLN A 49 -4.86 1.88 -10.97
CA GLN A 49 -4.84 3.26 -10.55
C GLN A 49 -4.43 4.16 -11.71
N ALA A 50 -4.71 5.46 -11.56
CA ALA A 50 -4.28 6.42 -12.56
C ALA A 50 -2.78 6.38 -12.78
N ALA A 51 -2.01 6.07 -11.73
CA ALA A 51 -0.56 5.96 -11.88
C ALA A 51 -0.17 4.95 -12.95
N LEU A 52 -0.92 3.84 -13.05
CA LEU A 52 -0.62 2.86 -14.09
C LEU A 52 -0.83 3.47 -15.47
N GLY A 53 -1.86 4.28 -15.63
CA GLY A 53 -2.10 4.95 -16.91
C GLY A 53 -0.93 5.82 -17.31
N GLU A 54 -0.44 6.64 -16.38
CA GLU A 54 0.69 7.50 -16.72
C GLU A 54 1.91 6.65 -17.07
N TYR A 55 2.13 5.57 -16.32
CA TYR A 55 3.29 4.72 -16.54
C TYR A 55 3.24 4.04 -17.90
N TYR A 56 2.12 3.39 -18.24
CA TYR A 56 2.06 2.74 -19.54
C TYR A 56 2.03 3.77 -20.67
N GLU A 57 1.38 4.92 -20.46
CA GLU A 57 1.35 5.96 -21.49
C GLU A 57 2.75 6.45 -21.84
N GLN A 58 3.57 6.67 -20.80
N GLN A 58 3.58 6.66 -20.83
CA GLN A 58 4.96 7.09 -20.98
CA GLN A 58 4.91 7.18 -21.16
C GLN A 58 5.72 6.12 -21.88
C GLN A 58 5.85 6.11 -21.70
N ARG A 59 5.42 4.83 -21.76
CA ARG A 59 6.22 3.81 -22.43
C ARG A 59 5.62 3.40 -23.77
N ALA A 60 4.38 3.79 -24.03
CA ALA A 60 3.69 3.49 -25.28
C ALA A 60 4.28 4.28 -26.44
N THR A 61 4.40 3.62 -27.59
CA THR A 61 4.81 4.22 -28.84
C THR A 61 3.87 3.77 -29.94
N ALA A 62 3.85 4.55 -31.02
CA ALA A 62 3.05 4.20 -32.19
C ALA A 62 3.51 2.88 -32.78
N GLY A 63 2.62 1.89 -32.80
CA GLY A 63 2.96 0.59 -33.32
C GLY A 63 3.82 -0.27 -32.40
N GLY A 64 4.01 0.16 -31.15
CA GLY A 64 4.75 -0.66 -30.21
C GLY A 64 3.84 -1.54 -29.38
N PHE A 65 4.40 -2.66 -28.91
CA PHE A 65 3.66 -3.68 -28.19
C PHE A 65 4.04 -3.61 -26.71
N LEU A 66 3.03 -3.53 -25.85
CA LEU A 66 3.20 -3.49 -24.41
C LEU A 66 2.44 -4.67 -23.80
N ILE A 67 3.06 -5.31 -22.81
CA ILE A 67 2.41 -6.34 -22.01
C ILE A 67 2.32 -5.80 -20.59
N THR A 68 1.13 -5.88 -19.99
CA THR A 68 0.98 -5.35 -18.65
C THR A 68 1.64 -6.28 -17.65
N GLU A 69 1.90 -5.74 -16.46
CA GLU A 69 2.14 -6.51 -15.24
C GLU A 69 1.16 -7.67 -15.12
N GLY A 70 1.58 -8.72 -14.44
CA GLY A 70 0.69 -9.83 -14.21
C GLY A 70 -0.55 -9.38 -13.47
N THR A 71 -1.69 -9.89 -13.90
CA THR A 71 -2.99 -9.41 -13.45
C THR A 71 -3.82 -10.56 -12.91
N MET A 72 -4.44 -10.37 -11.75
CA MET A 72 -5.16 -11.45 -11.07
C MET A 72 -6.34 -11.91 -11.89
N ILE A 73 -6.57 -13.22 -11.90
CA ILE A 73 -7.75 -13.77 -12.57
C ILE A 73 -8.84 -14.15 -11.59
N SER A 74 -8.58 -14.00 -10.30
CA SER A 74 -9.49 -14.50 -9.27
C SER A 74 -8.97 -14.03 -7.92
N PRO A 75 -9.79 -14.13 -6.87
CA PRO A 75 -9.34 -13.66 -5.55
C PRO A 75 -8.19 -14.45 -4.96
N THR A 76 -7.85 -15.64 -5.48
CA THR A 76 -6.76 -16.46 -4.96
C THR A 76 -5.47 -16.31 -5.76
N SER A 77 -5.43 -15.43 -6.76
N SER A 77 -5.46 -15.41 -6.75
CA SER A 77 -4.34 -15.45 -7.72
CA SER A 77 -4.38 -15.35 -7.75
C SER A 77 -3.16 -14.57 -7.34
C SER A 77 -3.14 -14.64 -7.29
N ALA A 78 -3.22 -13.83 -6.24
CA ALA A 78 -2.16 -12.88 -5.93
C ALA A 78 -1.13 -13.44 -4.98
N GLY A 79 0.12 -13.03 -5.19
CA GLY A 79 1.21 -13.33 -4.27
C GLY A 79 2.12 -12.13 -4.08
N PHE A 80 1.63 -10.96 -4.47
CA PHE A 80 2.28 -9.66 -4.28
C PHE A 80 1.22 -8.68 -3.81
N PRO A 81 1.62 -7.60 -3.14
CA PRO A 81 0.62 -6.62 -2.71
C PRO A 81 0.30 -5.67 -3.84
N HIS A 82 -0.96 -5.23 -3.89
CA HIS A 82 -1.40 -4.16 -4.78
C HIS A 82 -1.05 -4.45 -6.23
N VAL A 83 -1.28 -5.69 -6.63
CA VAL A 83 -1.22 -6.10 -8.03
C VAL A 83 -2.65 -6.01 -8.56
N PRO A 84 -2.84 -5.61 -9.80
CA PRO A 84 -4.20 -5.41 -10.30
C PRO A 84 -4.88 -6.75 -10.59
N GLY A 85 -6.21 -6.73 -10.50
CA GLY A 85 -7.03 -7.83 -10.99
C GLY A 85 -7.77 -7.41 -12.24
N ILE A 86 -8.38 -8.41 -12.89
CA ILE A 86 -9.30 -8.08 -13.97
C ILE A 86 -10.49 -9.03 -13.87
N PHE A 87 -10.83 -9.41 -12.64
CA PHE A 87 -11.95 -10.32 -12.43
C PHE A 87 -13.21 -9.63 -11.90
N THR A 88 -13.14 -8.34 -11.56
CA THR A 88 -14.32 -7.59 -11.17
C THR A 88 -14.62 -6.50 -12.20
N LYS A 89 -15.88 -6.06 -12.22
CA LYS A 89 -16.26 -5.00 -13.16
C LYS A 89 -15.61 -3.68 -12.79
N GLU A 90 -15.41 -3.44 -11.49
CA GLU A 90 -14.66 -2.27 -11.06
C GLU A 90 -13.26 -2.27 -11.66
N GLN A 91 -12.59 -3.42 -11.60
CA GLN A 91 -11.26 -3.51 -12.21
C GLN A 91 -11.31 -3.26 -13.71
N VAL A 92 -12.33 -3.81 -14.38
CA VAL A 92 -12.46 -3.61 -15.82
C VAL A 92 -12.66 -2.12 -16.13
N ARG A 93 -13.46 -1.43 -15.33
N ARG A 93 -13.46 -1.44 -15.32
CA ARG A 93 -13.70 -0.01 -15.57
CA ARG A 93 -13.72 -0.01 -15.53
C ARG A 93 -12.42 0.80 -15.49
C ARG A 93 -12.44 0.81 -15.47
N GLU A 94 -11.56 0.49 -14.51
CA GLU A 94 -10.34 1.27 -14.34
C GLU A 94 -9.30 0.87 -15.38
N TRP A 95 -9.25 -0.41 -15.75
CA TRP A 95 -8.36 -0.82 -16.83
C TRP A 95 -8.73 -0.11 -18.13
N LYS A 96 -10.02 0.11 -18.38
CA LYS A 96 -10.42 0.76 -19.64
C LYS A 96 -9.75 2.12 -19.80
N LYS A 97 -9.63 2.89 -18.71
CA LYS A 97 -9.01 4.21 -18.80
C LYS A 97 -7.53 4.09 -19.15
N ILE A 98 -6.87 3.07 -18.62
CA ILE A 98 -5.45 2.87 -18.91
C ILE A 98 -5.26 2.42 -20.35
N VAL A 99 -6.09 1.48 -20.81
CA VAL A 99 -5.97 1.03 -22.18
C VAL A 99 -6.26 2.19 -23.13
N ASP A 100 -7.19 3.06 -22.76
CA ASP A 100 -7.53 4.18 -23.63
C ASP A 100 -6.33 5.09 -23.85
N VAL A 101 -5.59 5.41 -22.79
CA VAL A 101 -4.46 6.32 -22.99
C VAL A 101 -3.32 5.64 -23.74
N VAL A 102 -3.21 4.31 -23.63
CA VAL A 102 -2.20 3.60 -24.41
C VAL A 102 -2.58 3.56 -25.89
N HIS A 103 -3.86 3.33 -26.17
CA HIS A 103 -4.31 3.33 -27.56
C HIS A 103 -4.27 4.73 -28.15
N ALA A 104 -4.39 5.74 -27.31
CA ALA A 104 -4.27 7.12 -27.77
C ALA A 104 -2.94 7.36 -28.46
N LYS A 105 -1.91 6.62 -28.08
CA LYS A 105 -0.59 6.76 -28.67
C LYS A 105 -0.31 5.71 -29.73
N GLY A 106 -1.32 4.93 -30.13
CA GLY A 106 -1.15 3.99 -31.21
C GLY A 106 -0.43 2.71 -30.86
N ALA A 107 -0.34 2.39 -29.58
CA ALA A 107 0.32 1.18 -29.12
C ALA A 107 -0.67 0.03 -29.00
N VAL A 108 -0.14 -1.18 -29.05
CA VAL A 108 -0.88 -2.42 -28.84
C VAL A 108 -0.58 -2.91 -27.42
N ILE A 109 -1.59 -3.33 -26.68
CA ILE A 109 -1.36 -3.75 -25.29
C ILE A 109 -2.11 -5.03 -24.98
N PHE A 110 -1.40 -5.98 -24.39
CA PHE A 110 -1.97 -7.23 -23.89
C PHE A 110 -1.94 -7.21 -22.37
N CYS A 111 -2.96 -7.80 -21.75
CA CYS A 111 -3.00 -7.94 -20.31
C CYS A 111 -2.48 -9.33 -19.97
N GLN A 112 -1.45 -9.39 -19.10
CA GLN A 112 -0.95 -10.70 -18.67
C GLN A 112 -1.81 -11.25 -17.54
N LEU A 113 -2.35 -12.45 -17.73
CA LEU A 113 -3.20 -13.10 -16.74
C LEU A 113 -2.33 -14.03 -15.89
N TRP A 114 -2.33 -13.78 -14.58
CA TRP A 114 -1.31 -14.30 -13.66
C TRP A 114 -1.97 -14.90 -12.43
N HIS A 115 -1.79 -16.19 -12.23
CA HIS A 115 -2.15 -16.85 -10.98
C HIS A 115 -0.87 -17.43 -10.39
N VAL A 116 -0.55 -17.03 -9.16
CA VAL A 116 0.72 -17.42 -8.55
C VAL A 116 0.68 -18.81 -7.94
N GLY A 117 -0.50 -19.40 -7.78
CA GLY A 117 -0.57 -20.71 -7.14
C GLY A 117 0.05 -20.69 -5.76
N ARG A 118 1.00 -21.61 -5.54
CA ARG A 118 1.54 -21.78 -4.21
C ARG A 118 2.45 -20.64 -3.81
N ALA A 119 2.80 -19.75 -4.74
CA ALA A 119 3.70 -18.65 -4.44
C ALA A 119 2.90 -17.46 -3.88
N SER A 120 2.26 -17.72 -2.74
CA SER A 120 1.44 -16.71 -2.08
C SER A 120 1.58 -16.91 -0.58
N HIS A 121 0.69 -16.27 0.17
CA HIS A 121 0.79 -16.25 1.62
C HIS A 121 -0.63 -16.05 2.14
N GLU A 122 -0.86 -16.48 3.39
CA GLU A 122 -2.17 -16.26 4.00
C GLU A 122 -2.63 -14.81 3.86
N VAL A 123 -1.69 -13.85 3.93
CA VAL A 123 -2.05 -12.43 3.88
C VAL A 123 -2.63 -12.03 2.54
N TYR A 124 -2.36 -12.80 1.48
CA TYR A 124 -2.87 -12.49 0.15
C TYR A 124 -4.07 -13.34 -0.26
N GLN A 125 -4.54 -14.23 0.61
CA GLN A 125 -5.62 -15.13 0.25
C GLN A 125 -6.90 -14.76 0.98
N PRO A 126 -8.06 -15.01 0.36
CA PRO A 126 -9.32 -14.75 1.05
C PRO A 126 -9.41 -15.58 2.32
N ALA A 127 -9.88 -14.95 3.41
CA ALA A 127 -10.05 -15.62 4.69
C ALA A 127 -8.75 -16.22 5.21
N GLY A 128 -7.61 -15.76 4.67
CA GLY A 128 -6.32 -16.30 5.07
C GLY A 128 -6.15 -17.77 4.75
N ALA A 129 -6.82 -18.26 3.71
CA ALA A 129 -6.75 -19.67 3.35
C ALA A 129 -5.40 -20.00 2.71
N ALA A 130 -5.07 -21.28 2.71
CA ALA A 130 -3.84 -21.71 2.04
C ALA A 130 -3.92 -21.41 0.55
N PRO A 131 -2.81 -20.96 -0.06
CA PRO A 131 -2.75 -20.82 -1.52
C PRO A 131 -3.03 -22.16 -2.19
N ILE A 132 -3.46 -22.12 -3.45
CA ILE A 132 -3.79 -23.35 -4.18
C ILE A 132 -2.63 -23.73 -5.11
N SER A 133 -2.54 -25.02 -5.43
CA SER A 133 -1.46 -25.50 -6.27
C SER A 133 -1.79 -26.89 -6.81
N SER A 134 -0.88 -27.41 -7.63
CA SER A 134 -0.95 -28.79 -8.07
C SER A 134 -0.61 -29.73 -6.93
N THR A 135 0.11 -29.24 -5.93
CA THR A 135 0.79 -30.06 -4.95
C THR A 135 0.54 -29.46 -3.57
N GLU A 136 0.87 -30.25 -2.54
CA GLU A 136 0.96 -29.73 -1.18
C GLU A 136 2.37 -29.28 -0.80
N LYS A 137 3.35 -29.49 -1.67
CA LYS A 137 4.73 -29.13 -1.34
C LYS A 137 4.88 -27.62 -1.37
N PRO A 138 5.45 -27.00 -0.34
CA PRO A 138 5.67 -25.56 -0.37
C PRO A 138 6.95 -25.22 -1.12
N ILE A 139 7.00 -23.98 -1.60
CA ILE A 139 8.30 -23.43 -1.97
C ILE A 139 9.22 -23.52 -0.77
N SER A 140 10.49 -23.83 -1.00
CA SER A 140 11.41 -24.03 0.11
C SER A 140 11.78 -22.68 0.75
N ASN A 141 12.39 -22.76 1.94
CA ASN A 141 12.81 -21.56 2.66
C ASN A 141 14.01 -20.88 2.03
N ARG A 142 14.52 -21.39 0.92
CA ARG A 142 15.48 -20.64 0.13
C ARG A 142 14.88 -19.32 -0.35
N TRP A 143 13.56 -19.27 -0.53
CA TRP A 143 12.84 -18.14 -1.09
C TRP A 143 11.96 -17.50 -0.04
N ARG A 144 11.69 -16.21 -0.20
CA ARG A 144 10.87 -15.45 0.72
C ARG A 144 9.88 -14.61 -0.08
N ILE A 145 8.69 -14.40 0.48
CA ILE A 145 7.66 -13.63 -0.20
C ILE A 145 7.67 -12.20 0.33
N LEU A 146 7.55 -11.23 -0.57
CA LEU A 146 7.39 -9.85 -0.14
C LEU A 146 6.04 -9.69 0.53
N MET A 147 6.04 -9.17 1.74
CA MET A 147 4.83 -8.89 2.51
C MET A 147 4.33 -7.47 2.24
N PRO A 148 3.07 -7.19 2.59
CA PRO A 148 2.54 -5.83 2.31
C PRO A 148 3.30 -4.73 3.03
N ASP A 149 3.96 -5.01 4.15
CA ASP A 149 4.70 -3.99 4.88
C ASP A 149 6.16 -3.92 4.46
N GLY A 150 6.56 -4.67 3.44
CA GLY A 150 7.92 -4.63 2.96
C GLY A 150 8.86 -5.62 3.62
N THR A 151 8.39 -6.35 4.62
CA THR A 151 9.19 -7.43 5.19
C THR A 151 9.07 -8.65 4.29
N HIS A 152 9.84 -9.69 4.62
CA HIS A 152 9.83 -10.93 3.87
C HIS A 152 9.15 -12.01 4.70
N GLY A 153 8.24 -12.75 4.08
CA GLY A 153 7.53 -13.81 4.75
C GLY A 153 7.92 -15.18 4.24
N ILE A 154 7.40 -16.19 4.93
CA ILE A 154 7.64 -17.59 4.58
C ILE A 154 6.51 -18.08 3.70
N TYR A 155 6.88 -18.73 2.59
CA TYR A 155 5.88 -19.39 1.75
C TYR A 155 5.23 -20.54 2.51
N PRO A 156 3.91 -20.58 2.60
CA PRO A 156 3.21 -21.64 3.31
C PRO A 156 2.99 -22.87 2.45
N LYS A 157 2.57 -23.94 3.12
CA LYS A 157 2.11 -25.15 2.45
C LYS A 157 0.85 -24.86 1.63
N PRO A 158 0.83 -25.16 0.34
CA PRO A 158 -0.38 -24.95 -0.45
C PRO A 158 -1.33 -26.13 -0.31
N ARG A 159 -2.55 -25.91 -0.81
CA ARG A 159 -3.55 -26.95 -0.91
C ARG A 159 -3.59 -27.46 -2.35
N ALA A 160 -3.47 -28.79 -2.51
CA ALA A 160 -3.49 -29.40 -3.83
C ALA A 160 -4.93 -29.54 -4.30
N ILE A 161 -5.26 -28.86 -5.40
CA ILE A 161 -6.65 -28.81 -5.84
C ILE A 161 -7.01 -30.05 -6.64
N GLY A 162 -8.30 -30.40 -6.60
CA GLY A 162 -8.83 -31.47 -7.43
C GLY A 162 -9.24 -30.98 -8.81
N THR A 163 -9.73 -31.91 -9.64
CA THR A 163 -9.92 -31.56 -11.04
C THR A 163 -11.13 -30.65 -11.26
N TYR A 164 -12.17 -30.75 -10.41
CA TYR A 164 -13.22 -29.75 -10.50
C TYR A 164 -12.67 -28.36 -10.23
N GLU A 165 -11.86 -28.22 -9.18
CA GLU A 165 -11.31 -26.91 -8.88
C GLU A 165 -10.38 -26.44 -10.00
N ILE A 166 -9.61 -27.37 -10.60
CA ILE A 166 -8.81 -27.02 -11.78
C ILE A 166 -9.70 -26.45 -12.88
N SER A 167 -10.83 -27.10 -13.13
CA SER A 167 -11.71 -26.62 -14.20
C SER A 167 -12.24 -25.23 -13.87
N GLN A 168 -12.41 -24.92 -12.59
CA GLN A 168 -12.87 -23.58 -12.23
C GLN A 168 -11.76 -22.56 -12.42
N VAL A 169 -10.51 -22.92 -12.15
CA VAL A 169 -9.40 -22.00 -12.46
C VAL A 169 -9.33 -21.75 -13.96
N VAL A 170 -9.52 -22.79 -14.78
CA VAL A 170 -9.56 -22.57 -16.22
C VAL A 170 -10.65 -21.56 -16.57
N GLU A 171 -11.82 -21.70 -15.94
N GLU A 171 -11.82 -21.69 -15.94
CA GLU A 171 -12.90 -20.74 -16.16
CA GLU A 171 -12.88 -20.72 -16.20
C GLU A 171 -12.55 -19.34 -15.70
C GLU A 171 -12.49 -19.33 -15.74
N ASP A 172 -11.74 -19.23 -14.63
CA ASP A 172 -11.24 -17.92 -14.21
C ASP A 172 -10.37 -17.28 -15.30
N TYR A 173 -9.52 -18.07 -15.96
CA TYR A 173 -8.77 -17.53 -17.09
C TYR A 173 -9.69 -17.09 -18.22
N ARG A 174 -10.67 -17.92 -18.54
CA ARG A 174 -11.59 -17.61 -19.63
C ARG A 174 -12.33 -16.31 -19.36
N ARG A 175 -12.89 -16.18 -18.16
CA ARG A 175 -13.66 -14.99 -17.81
C ARG A 175 -12.77 -13.75 -17.77
N SER A 176 -11.54 -13.91 -17.26
CA SER A 176 -10.63 -12.76 -17.23
C SER A 176 -10.21 -12.34 -18.62
N ALA A 177 -10.02 -13.30 -19.54
CA ALA A 177 -9.72 -12.94 -20.91
C ALA A 177 -10.86 -12.15 -21.54
N LEU A 178 -12.10 -12.59 -21.29
CA LEU A 178 -13.24 -11.82 -21.80
C LEU A 178 -13.29 -10.44 -21.17
N ASN A 179 -13.00 -10.34 -19.87
CA ASN A 179 -12.97 -9.04 -19.21
C ASN A 179 -11.90 -8.13 -19.79
N ALA A 180 -10.75 -8.72 -20.15
CA ALA A 180 -9.69 -7.93 -20.76
C ALA A 180 -10.15 -7.33 -22.08
N ILE A 181 -10.82 -8.15 -22.91
CA ILE A 181 -11.36 -7.63 -24.16
C ILE A 181 -12.39 -6.55 -23.90
N GLU A 182 -13.21 -6.72 -22.85
CA GLU A 182 -14.20 -5.71 -22.51
C GLU A 182 -13.54 -4.41 -22.06
N ALA A 183 -12.39 -4.49 -21.39
CA ALA A 183 -11.64 -3.29 -21.05
C ALA A 183 -10.97 -2.66 -22.26
N GLY A 184 -10.95 -3.32 -23.41
CA GLY A 184 -10.35 -2.78 -24.60
C GLY A 184 -8.97 -3.30 -24.90
N PHE A 185 -8.44 -4.21 -24.08
CA PHE A 185 -7.15 -4.81 -24.39
C PHE A 185 -7.19 -5.45 -25.76
N ASP A 186 -6.06 -5.39 -26.46
CA ASP A 186 -5.93 -6.05 -27.74
C ASP A 186 -5.83 -7.55 -27.61
N GLY A 187 -5.43 -8.02 -26.44
CA GLY A 187 -5.27 -9.44 -26.21
C GLY A 187 -4.78 -9.68 -24.80
N ILE A 188 -4.46 -10.94 -24.53
CA ILE A 188 -3.96 -11.34 -23.22
C ILE A 188 -2.74 -12.22 -23.39
N GLU A 189 -1.94 -12.29 -22.34
CA GLU A 189 -0.84 -13.22 -22.27
C GLU A 189 -1.07 -14.17 -21.11
N ILE A 190 -0.96 -15.46 -21.37
CA ILE A 190 -1.04 -16.46 -20.31
C ILE A 190 0.32 -16.56 -19.64
N HIS A 191 0.37 -16.23 -18.34
CA HIS A 191 1.61 -16.39 -17.59
C HIS A 191 1.74 -17.85 -17.20
N GLY A 192 2.46 -18.62 -18.02
CA GLY A 192 2.62 -20.02 -17.71
C GLY A 192 4.05 -20.33 -17.33
N ALA A 193 4.72 -19.37 -16.70
CA ALA A 193 6.17 -19.42 -16.49
C ALA A 193 6.51 -19.22 -15.00
N HIS A 194 7.82 -19.33 -14.72
CA HIS A 194 8.44 -18.83 -13.50
C HIS A 194 7.89 -19.46 -12.21
N GLY A 195 7.52 -20.74 -12.26
CA GLY A 195 7.08 -21.42 -11.04
C GLY A 195 5.76 -20.98 -10.47
N TYR A 196 4.94 -20.24 -11.23
CA TYR A 196 3.62 -19.85 -10.77
C TYR A 196 2.63 -20.99 -11.10
N LEU A 197 1.31 -20.75 -11.02
CA LEU A 197 0.38 -21.88 -10.93
C LEU A 197 0.52 -22.84 -12.11
N ILE A 198 0.51 -22.32 -13.33
CA ILE A 198 0.60 -23.20 -14.51
C ILE A 198 1.91 -23.98 -14.47
N ASP A 199 3.00 -23.32 -14.10
CA ASP A 199 4.29 -23.97 -14.07
C ASP A 199 4.37 -25.00 -12.95
N GLN A 200 3.57 -24.83 -11.88
CA GLN A 200 3.49 -25.83 -10.83
C GLN A 200 2.85 -27.12 -11.32
N PHE A 201 2.08 -27.06 -12.40
CA PHE A 201 1.60 -28.26 -13.07
C PHE A 201 2.61 -28.78 -14.08
N LEU A 202 3.34 -27.89 -14.75
CA LEU A 202 4.26 -28.32 -15.80
C LEU A 202 5.49 -29.03 -15.24
N LYS A 203 6.06 -28.52 -14.15
CA LYS A 203 7.41 -28.90 -13.72
C LYS A 203 7.37 -30.17 -12.87
N ASP A 204 8.16 -31.19 -13.26
CA ASP A 204 8.10 -32.42 -12.46
C ASP A 204 8.84 -32.30 -11.13
N GLY A 205 9.57 -31.21 -10.90
CA GLY A 205 10.05 -30.91 -9.58
C GLY A 205 8.99 -30.42 -8.62
N ILE A 206 7.81 -30.05 -9.13
CA ILE A 206 6.71 -29.57 -8.32
C ILE A 206 5.53 -30.53 -8.36
N ASN A 207 5.13 -30.94 -9.56
CA ASN A 207 3.90 -31.71 -9.77
C ASN A 207 4.15 -33.15 -9.35
N ASP A 208 3.62 -33.51 -8.18
CA ASP A 208 3.70 -34.88 -7.67
C ASP A 208 2.33 -35.55 -7.67
N ARG A 209 1.45 -35.10 -8.57
CA ARG A 209 0.10 -35.64 -8.60
C ARG A 209 0.10 -37.06 -9.15
N THR A 210 -0.90 -37.84 -8.73
CA THR A 210 -1.09 -39.17 -9.26
C THR A 210 -2.38 -39.29 -10.09
N ASP A 211 -3.06 -38.18 -10.36
CA ASP A 211 -4.26 -38.26 -11.18
C ASP A 211 -3.91 -37.87 -12.62
N GLU A 212 -4.92 -37.48 -13.40
CA GLU A 212 -4.68 -37.27 -14.82
C GLU A 212 -3.94 -35.98 -15.10
N TYR A 213 -3.64 -35.17 -14.09
CA TYR A 213 -2.84 -33.96 -14.28
C TYR A 213 -1.39 -34.13 -13.85
N GLY A 214 -0.99 -35.33 -13.41
CA GLY A 214 0.37 -35.55 -12.96
C GLY A 214 0.96 -36.81 -13.56
N GLY A 215 2.25 -36.98 -13.32
CA GLY A 215 2.98 -38.11 -13.85
C GLY A 215 3.62 -37.80 -15.18
N SER A 216 2.99 -38.25 -16.25
CA SER A 216 3.59 -38.16 -17.57
C SER A 216 3.69 -36.70 -18.02
N LEU A 217 4.50 -36.48 -19.04
N LEU A 217 4.55 -36.47 -19.00
CA LEU A 217 4.64 -35.14 -19.62
CA LEU A 217 4.63 -35.16 -19.64
C LEU A 217 3.33 -34.68 -20.24
C LEU A 217 3.28 -34.71 -20.14
N ALA A 218 2.57 -35.60 -20.85
CA ALA A 218 1.27 -35.24 -21.41
C ALA A 218 0.32 -34.79 -20.30
N ASN A 219 0.31 -35.52 -19.18
CA ASN A 219 -0.56 -35.15 -18.08
C ASN A 219 -0.13 -33.83 -17.46
N ARG A 220 1.18 -33.60 -17.36
CA ARG A 220 1.64 -32.34 -16.77
C ARG A 220 1.31 -31.15 -17.68
N CYS A 221 1.23 -31.38 -18.98
CA CYS A 221 0.86 -30.33 -19.93
C CYS A 221 -0.65 -30.10 -20.03
N LYS A 222 -1.47 -30.93 -19.37
CA LYS A 222 -2.91 -30.81 -19.52
C LYS A 222 -3.42 -29.44 -19.11
N PHE A 223 -2.95 -28.95 -17.96
CA PHE A 223 -3.50 -27.70 -17.45
C PHE A 223 -3.23 -26.53 -18.40
N ILE A 224 -1.98 -26.35 -18.83
CA ILE A 224 -1.70 -25.23 -19.73
C ILE A 224 -2.46 -25.38 -21.04
N THR A 225 -2.63 -26.62 -21.51
CA THR A 225 -3.38 -26.81 -22.75
C THR A 225 -4.83 -26.40 -22.55
N GLN A 226 -5.42 -26.79 -21.42
CA GLN A 226 -6.81 -26.43 -21.14
C GLN A 226 -6.97 -24.93 -20.96
N VAL A 227 -6.00 -24.28 -20.31
CA VAL A 227 -6.09 -22.83 -20.13
C VAL A 227 -6.01 -22.13 -21.47
N VAL A 228 -5.04 -22.52 -22.30
CA VAL A 228 -4.88 -21.87 -23.59
C VAL A 228 -6.09 -22.13 -24.48
N GLN A 229 -6.57 -23.38 -24.50
CA GLN A 229 -7.75 -23.70 -25.29
C GLN A 229 -8.94 -22.86 -24.86
N ALA A 230 -9.13 -22.70 -23.54
CA ALA A 230 -10.26 -21.92 -23.04
C ALA A 230 -10.18 -20.47 -23.50
N VAL A 231 -9.01 -19.85 -23.38
CA VAL A 231 -8.95 -18.44 -23.76
C VAL A 231 -8.97 -18.28 -25.28
N VAL A 232 -8.37 -19.22 -26.02
CA VAL A 232 -8.47 -19.17 -27.48
C VAL A 232 -9.93 -19.24 -27.91
N SER A 233 -10.68 -20.17 -27.32
CA SER A 233 -12.10 -20.27 -27.67
C SER A 233 -12.86 -19.00 -27.32
N ALA A 234 -12.44 -18.30 -26.28
CA ALA A 234 -13.18 -17.14 -25.79
C ALA A 234 -12.92 -15.90 -26.64
N ILE A 235 -11.65 -15.63 -26.96
CA ILE A 235 -11.30 -14.36 -27.58
C ILE A 235 -10.57 -14.50 -28.91
N GLY A 236 -10.24 -15.72 -29.34
CA GLY A 236 -9.54 -15.92 -30.59
C GLY A 236 -8.04 -16.09 -30.43
N ALA A 237 -7.48 -17.05 -31.17
CA ALA A 237 -6.06 -17.36 -31.05
C ALA A 237 -5.19 -16.13 -31.25
N ASP A 238 -5.56 -15.25 -32.19
CA ASP A 238 -4.69 -14.14 -32.53
C ASP A 238 -4.61 -13.10 -31.43
N ARG A 239 -5.46 -13.17 -30.41
N ARG A 239 -5.46 -13.18 -30.42
CA ARG A 239 -5.39 -12.27 -29.27
CA ARG A 239 -5.44 -12.30 -29.26
C ARG A 239 -4.77 -12.93 -28.03
C ARG A 239 -4.88 -13.00 -28.02
N VAL A 240 -4.11 -14.07 -28.19
CA VAL A 240 -3.58 -14.85 -27.06
C VAL A 240 -2.09 -15.09 -27.25
N GLY A 241 -1.28 -14.56 -26.33
CA GLY A 241 0.10 -14.96 -26.22
C GLY A 241 0.30 -15.89 -25.03
N VAL A 242 1.36 -16.68 -25.07
CA VAL A 242 1.64 -17.67 -24.05
C VAL A 242 3.10 -17.51 -23.61
N ARG A 243 3.32 -17.36 -22.31
CA ARG A 243 4.67 -17.25 -21.76
C ARG A 243 5.04 -18.51 -20.99
N VAL A 244 6.19 -19.10 -21.30
CA VAL A 244 6.69 -20.23 -20.54
C VAL A 244 8.18 -20.04 -20.24
N SER A 245 8.69 -20.86 -19.34
CA SER A 245 10.10 -20.81 -18.96
C SER A 245 10.53 -22.21 -18.55
N PRO A 246 10.80 -23.09 -19.53
CA PRO A 246 11.09 -24.49 -19.19
C PRO A 246 12.29 -24.66 -18.29
N ALA A 247 13.28 -23.78 -18.39
CA ALA A 247 14.46 -23.79 -17.53
C ALA A 247 14.52 -22.45 -16.83
N ILE A 248 14.29 -22.45 -15.53
CA ILE A 248 14.30 -21.22 -14.76
C ILE A 248 14.74 -21.56 -13.34
N ASP A 249 15.43 -20.62 -12.71
CA ASP A 249 15.79 -20.74 -11.30
C ASP A 249 14.92 -19.74 -10.55
N HIS A 250 13.69 -20.15 -10.24
CA HIS A 250 12.75 -19.29 -9.54
C HIS A 250 11.74 -20.13 -8.80
N LEU A 251 11.68 -19.99 -7.47
CA LEU A 251 10.64 -20.62 -6.65
C LEU A 251 10.58 -22.15 -6.84
N ASP A 252 11.76 -22.78 -6.94
CA ASP A 252 11.89 -24.25 -6.97
C ASP A 252 11.09 -24.87 -8.11
N ALA A 253 11.18 -24.27 -9.31
CA ALA A 253 10.44 -24.74 -10.47
C ALA A 253 11.35 -25.48 -11.44
N MET A 254 11.90 -26.60 -10.97
CA MET A 254 12.83 -27.40 -11.74
C MET A 254 12.10 -28.52 -12.48
N ASP A 255 12.67 -28.93 -13.61
CA ASP A 255 12.18 -30.10 -14.34
C ASP A 255 13.37 -30.97 -14.69
N SER A 256 13.16 -32.29 -14.65
CA SER A 256 14.23 -33.23 -14.96
C SER A 256 14.67 -33.15 -16.42
N ASN A 257 13.84 -32.61 -17.32
CA ASN A 257 14.18 -32.54 -18.74
C ASN A 257 13.54 -31.29 -19.30
N PRO A 258 14.11 -30.11 -18.99
CA PRO A 258 13.50 -28.85 -19.44
C PRO A 258 13.26 -28.76 -20.93
N LEU A 259 14.19 -29.27 -21.74
CA LEU A 259 14.01 -29.14 -23.19
C LEU A 259 12.81 -29.94 -23.68
N SER A 260 12.67 -31.18 -23.19
N SER A 260 12.68 -31.19 -23.20
CA SER A 260 11.52 -31.99 -23.60
CA SER A 260 11.53 -32.00 -23.58
C SER A 260 10.22 -31.45 -23.03
C SER A 260 10.24 -31.39 -23.05
N LEU A 261 10.27 -30.80 -21.86
CA LEU A 261 9.09 -30.12 -21.35
C LEU A 261 8.69 -28.99 -22.26
N GLY A 262 9.65 -28.14 -22.63
CA GLY A 262 9.37 -27.05 -23.55
C GLY A 262 8.84 -27.53 -24.88
N LEU A 263 9.45 -28.57 -25.43
CA LEU A 263 8.98 -29.11 -26.69
C LEU A 263 7.60 -29.73 -26.57
N ALA A 264 7.28 -30.35 -25.42
CA ALA A 264 5.94 -30.87 -25.26
C ALA A 264 4.91 -29.73 -25.24
N VAL A 265 5.23 -28.64 -24.55
CA VAL A 265 4.32 -27.50 -24.55
C VAL A 265 4.17 -26.95 -25.96
N VAL A 266 5.29 -26.78 -26.68
CA VAL A 266 5.23 -26.22 -28.02
C VAL A 266 4.39 -27.09 -28.94
N GLU A 267 4.54 -28.41 -28.84
CA GLU A 267 3.71 -29.30 -29.66
C GLU A 267 2.24 -29.08 -29.39
N ARG A 268 1.87 -28.90 -28.12
CA ARG A 268 0.45 -28.68 -27.85
C ARG A 268 -0.02 -27.32 -28.37
N LEU A 269 0.84 -26.30 -28.33
CA LEU A 269 0.44 -25.02 -28.90
C LEU A 269 0.28 -25.11 -30.41
N ASN A 270 1.20 -25.80 -31.08
CA ASN A 270 1.07 -26.05 -32.51
C ASN A 270 -0.26 -26.76 -32.81
N LYS A 271 -0.62 -27.74 -32.00
CA LYS A 271 -1.86 -28.48 -32.21
C LYS A 271 -3.07 -27.59 -32.01
N ILE A 272 -3.05 -26.75 -30.96
CA ILE A 272 -4.17 -25.84 -30.73
C ILE A 272 -4.36 -24.92 -31.92
N GLN A 273 -3.24 -24.46 -32.50
CA GLN A 273 -3.33 -23.57 -33.65
C GLN A 273 -3.93 -24.28 -34.86
N LEU A 274 -3.51 -25.52 -35.11
CA LEU A 274 -4.08 -26.26 -36.23
C LEU A 274 -5.57 -26.49 -36.04
N HIS A 275 -5.98 -26.89 -34.83
CA HIS A 275 -7.39 -27.21 -34.60
C HIS A 275 -8.26 -25.95 -34.57
N SER A 276 -7.70 -24.81 -34.17
N SER A 276 -7.69 -24.81 -34.16
CA SER A 276 -8.43 -23.56 -34.21
CA SER A 276 -8.41 -23.54 -34.20
C SER A 276 -8.32 -22.84 -35.55
C SER A 276 -8.33 -22.86 -35.55
N GLY A 277 -7.47 -23.34 -36.45
CA GLY A 277 -7.29 -22.69 -37.74
C GLY A 277 -6.66 -21.32 -37.67
N SER A 278 -6.06 -20.96 -36.55
CA SER A 278 -5.43 -19.66 -36.42
C SER A 278 -4.20 -19.78 -35.51
N LYS A 279 -3.25 -18.88 -35.72
CA LYS A 279 -2.05 -18.89 -34.90
C LYS A 279 -2.26 -18.02 -33.67
N LEU A 280 -1.62 -18.43 -32.57
CA LEU A 280 -1.55 -17.58 -31.39
C LEU A 280 -0.84 -16.28 -31.73
N ALA A 281 -1.04 -15.28 -30.87
CA ALA A 281 -0.28 -14.04 -31.05
C ALA A 281 1.22 -14.30 -30.96
N TYR A 282 1.64 -15.15 -30.02
CA TYR A 282 3.07 -15.42 -29.89
C TYR A 282 3.31 -16.44 -28.79
N LEU A 283 4.51 -16.99 -28.80
CA LEU A 283 5.12 -17.72 -27.70
C LEU A 283 6.22 -16.83 -27.11
N HIS A 284 6.20 -16.65 -25.80
CA HIS A 284 7.11 -15.77 -25.06
C HIS A 284 7.92 -16.67 -24.13
N VAL A 285 9.25 -16.67 -24.28
CA VAL A 285 10.07 -17.59 -23.49
C VAL A 285 11.13 -16.79 -22.75
N THR A 286 11.29 -17.10 -21.45
CA THR A 286 12.32 -16.47 -20.63
C THR A 286 13.66 -17.17 -20.82
N GLN A 287 14.70 -16.37 -21.06
N GLN A 287 14.69 -16.39 -21.05
CA GLN A 287 16.07 -16.85 -21.05
CA GLN A 287 16.02 -16.97 -21.15
C GLN A 287 16.39 -17.47 -19.70
C GLN A 287 16.47 -17.45 -19.78
N PRO A 288 16.96 -18.69 -19.66
CA PRO A 288 17.31 -19.26 -18.36
C PRO A 288 18.27 -18.44 -17.50
N ARG A 289 19.03 -17.53 -18.12
CA ARG A 289 19.96 -16.71 -17.33
C ARG A 289 19.24 -15.71 -16.42
N TYR A 290 17.96 -15.46 -16.63
CA TYR A 290 17.26 -14.40 -15.93
C TYR A 290 16.70 -14.89 -14.61
N VAL A 291 17.08 -14.23 -13.51
CA VAL A 291 16.56 -14.56 -12.19
C VAL A 291 16.05 -13.29 -11.53
N ALA A 292 15.23 -13.49 -10.50
CA ALA A 292 14.71 -12.39 -9.71
C ALA A 292 15.66 -11.90 -8.63
N TYR A 293 16.60 -12.73 -8.18
CA TYR A 293 17.37 -12.49 -6.97
C TYR A 293 18.74 -11.88 -7.22
N GLY A 294 19.04 -11.49 -8.45
CA GLY A 294 20.35 -10.94 -8.73
C GLY A 294 20.56 -10.69 -10.20
N GLN A 295 21.84 -10.63 -10.57
CA GLN A 295 22.29 -10.20 -11.88
C GLN A 295 22.09 -11.33 -12.91
N THR A 296 22.26 -10.97 -14.18
CA THR A 296 22.27 -11.87 -15.33
C THR A 296 20.85 -12.26 -15.73
N GLY A 302 22.51 -24.86 -17.55
CA GLY A 302 23.94 -25.06 -17.35
C GLY A 302 24.80 -24.06 -18.09
N SER A 303 25.52 -24.52 -19.10
CA SER A 303 26.42 -23.64 -19.84
C SER A 303 25.64 -22.66 -20.71
N GLU A 304 26.32 -21.60 -21.11
CA GLU A 304 25.73 -20.62 -22.01
C GLU A 304 25.27 -21.26 -23.31
N GLU A 305 26.01 -22.24 -23.83
CA GLU A 305 25.61 -22.87 -25.09
C GLU A 305 24.35 -23.72 -24.91
N GLU A 306 24.26 -24.46 -23.81
CA GLU A 306 23.05 -25.22 -23.53
C GLU A 306 21.84 -24.30 -23.41
N GLU A 307 22.01 -23.15 -22.76
CA GLU A 307 20.89 -22.22 -22.63
C GLU A 307 20.52 -21.64 -23.98
N ALA A 308 21.50 -21.35 -24.83
CA ALA A 308 21.21 -20.87 -26.18
C ALA A 308 20.58 -21.97 -27.04
N ARG A 309 21.04 -23.22 -26.87
CA ARG A 309 20.41 -24.35 -27.55
C ARG A 309 18.94 -24.43 -27.20
N LEU A 310 18.62 -24.31 -25.90
CA LEU A 310 17.22 -24.45 -25.48
C LEU A 310 16.35 -23.40 -26.14
N MET A 311 16.81 -22.14 -26.19
CA MET A 311 16.01 -21.06 -26.75
C MET A 311 15.80 -21.25 -28.24
N ARG A 312 16.86 -21.54 -28.98
CA ARG A 312 16.71 -21.71 -30.42
C ARG A 312 15.90 -22.97 -30.73
N THR A 313 16.05 -24.03 -29.94
CA THR A 313 15.27 -25.23 -30.19
C THR A 313 13.78 -24.97 -30.04
N LEU A 314 13.38 -24.25 -28.98
CA LEU A 314 11.97 -23.97 -28.81
C LEU A 314 11.45 -23.07 -29.92
N ARG A 315 12.22 -22.05 -30.27
CA ARG A 315 11.83 -21.18 -31.38
C ARG A 315 11.61 -21.97 -32.66
N ASN A 316 12.60 -22.79 -33.04
CA ASN A 316 12.50 -23.58 -34.27
C ASN A 316 11.32 -24.54 -34.25
N ALA A 317 10.90 -24.97 -33.07
CA ALA A 317 9.82 -25.97 -32.97
C ALA A 317 8.44 -25.34 -33.04
N TYR A 318 8.33 -24.05 -32.77
CA TYR A 318 7.03 -23.40 -32.64
C TYR A 318 6.65 -22.74 -33.94
N GLN A 319 5.44 -23.06 -34.42
CA GLN A 319 4.90 -22.49 -35.65
C GLN A 319 4.30 -21.12 -35.36
N GLY A 320 5.18 -20.13 -35.15
CA GLY A 320 4.66 -18.78 -35.03
C GLY A 320 5.68 -17.84 -34.43
N THR A 321 5.14 -16.74 -33.91
CA THR A 321 5.94 -15.61 -33.42
C THR A 321 6.57 -15.93 -32.09
N PHE A 322 7.86 -15.61 -31.95
CA PHE A 322 8.65 -15.91 -30.77
C PHE A 322 9.18 -14.62 -30.16
N ILE A 323 8.85 -14.39 -28.90
CA ILE A 323 9.38 -13.26 -28.13
C ILE A 323 10.38 -13.81 -27.13
N CYS A 324 11.60 -13.28 -27.14
CA CYS A 324 12.58 -13.67 -26.13
C CYS A 324 12.65 -12.58 -25.07
N SER A 325 13.03 -12.98 -23.87
CA SER A 325 13.06 -12.05 -22.75
C SER A 325 14.08 -12.53 -21.73
N GLY A 326 14.69 -11.58 -21.02
CA GLY A 326 15.59 -11.96 -19.95
C GLY A 326 17.02 -11.53 -20.22
N GLY A 327 17.43 -10.42 -19.59
CA GLY A 327 18.79 -9.96 -19.71
C GLY A 327 19.15 -9.31 -21.02
N TYR A 328 18.18 -8.84 -21.80
CA TYR A 328 18.52 -8.27 -23.10
C TYR A 328 18.98 -6.82 -22.97
N THR A 329 19.90 -6.45 -23.85
CA THR A 329 20.43 -5.12 -24.04
C THR A 329 20.12 -4.68 -25.46
N ARG A 330 20.51 -3.46 -25.81
CA ARG A 330 20.35 -3.05 -27.20
C ARG A 330 21.08 -4.00 -28.14
N GLU A 331 22.35 -4.29 -27.84
CA GLU A 331 23.14 -5.13 -28.74
C GLU A 331 22.59 -6.55 -28.80
N LEU A 332 22.22 -7.13 -27.65
CA LEU A 332 21.74 -8.50 -27.65
C LEU A 332 20.38 -8.61 -28.33
N GLY A 333 19.55 -7.58 -28.23
CA GLY A 333 18.27 -7.59 -28.91
C GLY A 333 18.41 -7.50 -30.41
N ILE A 334 19.30 -6.62 -30.88
CA ILE A 334 19.62 -6.56 -32.31
C ILE A 334 20.09 -7.93 -32.79
N GLU A 335 21.03 -8.54 -32.07
CA GLU A 335 21.56 -9.83 -32.47
C GLU A 335 20.46 -10.89 -32.54
N ALA A 336 19.55 -10.88 -31.57
CA ALA A 336 18.49 -11.87 -31.54
C ALA A 336 17.60 -11.78 -32.77
N VAL A 337 17.26 -10.57 -33.18
CA VAL A 337 16.43 -10.42 -34.37
C VAL A 337 17.23 -10.70 -35.63
N ALA A 338 18.48 -10.21 -35.67
CA ALA A 338 19.30 -10.36 -36.87
C ALA A 338 19.57 -11.83 -37.15
N GLN A 339 19.80 -12.63 -36.12
CA GLN A 339 20.16 -14.03 -36.28
C GLN A 339 18.94 -14.94 -36.42
N GLY A 340 17.73 -14.38 -36.35
CA GLY A 340 16.53 -15.19 -36.38
C GLY A 340 16.22 -15.91 -35.10
N ASP A 341 16.87 -15.55 -33.99
CA ASP A 341 16.61 -16.21 -32.71
C ASP A 341 15.27 -15.82 -32.14
N ALA A 342 14.72 -14.69 -32.55
CA ALA A 342 13.43 -14.24 -32.07
C ALA A 342 12.87 -13.24 -33.05
N ASP A 343 11.55 -13.06 -32.97
CA ASP A 343 10.85 -12.06 -33.76
C ASP A 343 10.69 -10.75 -33.02
N LEU A 344 10.51 -10.83 -31.70
CA LEU A 344 10.35 -9.66 -30.87
C LEU A 344 11.18 -9.87 -29.62
N VAL A 345 11.61 -8.77 -29.00
CA VAL A 345 12.46 -8.84 -27.82
C VAL A 345 11.79 -8.00 -26.74
N SER A 346 11.47 -8.61 -25.61
CA SER A 346 10.84 -7.84 -24.54
C SER A 346 11.89 -7.44 -23.52
N TYR A 347 11.77 -6.20 -23.05
CA TYR A 347 12.69 -5.59 -22.09
C TYR A 347 11.92 -5.29 -20.82
N GLY A 348 12.51 -5.66 -19.70
CA GLY A 348 11.94 -5.36 -18.39
C GLY A 348 12.63 -4.21 -17.69
N ARG A 349 13.75 -4.49 -17.02
CA ARG A 349 14.33 -3.50 -16.12
C ARG A 349 14.70 -2.21 -16.85
N LEU A 350 15.21 -2.32 -18.08
CA LEU A 350 15.59 -1.08 -18.80
C LEU A 350 14.37 -0.24 -19.16
N PHE A 351 13.21 -0.86 -19.27
CA PHE A 351 11.98 -0.12 -19.52
C PHE A 351 11.46 0.52 -18.24
N ILE A 352 11.84 -0.01 -17.08
CA ILE A 352 11.50 0.64 -15.82
C ILE A 352 12.09 2.04 -15.78
N SER A 353 13.37 2.16 -16.11
CA SER A 353 14.12 3.39 -15.92
C SER A 353 14.24 4.23 -17.17
N ASN A 354 13.82 3.73 -18.33
CA ASN A 354 13.86 4.49 -19.58
C ASN A 354 12.46 4.44 -20.17
N PRO A 355 11.60 5.38 -19.79
CA PRO A 355 10.24 5.39 -20.38
C PRO A 355 10.27 5.41 -21.89
N ASP A 356 11.24 6.13 -22.48
CA ASP A 356 11.44 6.19 -23.93
C ASP A 356 12.51 5.21 -24.39
N LEU A 357 12.49 3.99 -23.84
CA LEU A 357 13.47 2.99 -24.22
C LEU A 357 13.48 2.74 -25.73
N VAL A 358 12.30 2.76 -26.36
CA VAL A 358 12.26 2.49 -27.80
C VAL A 358 13.08 3.55 -28.55
N MET A 359 12.83 4.82 -28.25
CA MET A 359 13.55 5.91 -28.88
C MET A 359 15.04 5.87 -28.56
N ARG A 360 15.41 5.54 -27.31
CA ARG A 360 16.83 5.45 -26.97
C ARG A 360 17.50 4.35 -27.76
N ILE A 361 16.82 3.21 -27.92
CA ILE A 361 17.39 2.13 -28.72
C ILE A 361 17.51 2.54 -30.19
N LYS A 362 16.49 3.24 -30.74
CA LYS A 362 16.60 3.71 -32.12
C LYS A 362 17.76 4.66 -32.29
N LEU A 363 17.91 5.60 -31.36
CA LEU A 363 18.96 6.61 -31.45
C LEU A 363 20.32 6.09 -30.99
N ASN A 364 20.37 4.92 -30.39
CA ASN A 364 21.53 4.46 -29.62
C ASN A 364 21.97 5.54 -28.62
N ALA A 365 21.00 6.05 -27.90
CA ALA A 365 21.24 7.01 -26.83
C ALA A 365 21.55 6.26 -25.53
N PRO A 366 22.39 6.83 -24.65
CA PRO A 366 22.71 6.14 -23.40
C PRO A 366 21.46 5.89 -22.56
N LEU A 367 21.45 4.76 -21.89
CA LEU A 367 20.33 4.34 -21.06
C LEU A 367 20.56 4.73 -19.62
N ASN A 368 19.48 5.02 -18.92
CA ASN A 368 19.57 5.39 -17.52
C ASN A 368 19.39 4.17 -16.62
N LYS A 369 20.06 4.21 -15.47
CA LYS A 369 20.02 3.09 -14.53
C LYS A 369 18.65 2.99 -13.86
N TYR A 370 18.35 1.79 -13.37
CA TYR A 370 17.13 1.51 -12.64
C TYR A 370 17.44 1.23 -11.18
N ASN A 371 16.46 1.50 -10.31
N ASN A 371 16.47 1.55 -10.31
CA ASN A 371 16.63 1.42 -8.87
CA ASN A 371 16.62 1.42 -8.86
C ASN A 371 15.77 0.30 -8.32
C ASN A 371 15.75 0.27 -8.38
N ARG A 372 16.40 -0.84 -8.01
CA ARG A 372 15.67 -2.00 -7.51
C ARG A 372 14.84 -1.68 -6.28
N LYS A 373 15.27 -0.71 -5.47
CA LYS A 373 14.56 -0.40 -4.24
C LYS A 373 13.10 -0.03 -4.48
N THR A 374 12.78 0.55 -5.63
CA THR A 374 11.43 1.00 -5.89
C THR A 374 10.73 0.15 -6.97
N PHE A 375 11.20 -1.08 -7.19
CA PHE A 375 10.50 -1.96 -8.13
C PHE A 375 9.09 -2.27 -7.65
N TYR A 376 8.91 -2.54 -6.34
CA TYR A 376 7.67 -3.09 -5.80
C TYR A 376 7.05 -2.21 -4.73
N THR A 377 7.52 -0.99 -4.55
CA THR A 377 6.91 -0.05 -3.61
C THR A 377 5.61 0.51 -4.19
N GLN A 378 4.89 1.29 -3.37
CA GLN A 378 3.54 1.67 -3.73
C GLN A 378 3.41 3.10 -4.26
N ASP A 379 4.47 3.89 -4.22
CA ASP A 379 4.36 5.30 -4.58
C ASP A 379 3.90 5.42 -6.02
N PRO A 380 2.88 6.24 -6.29
CA PRO A 380 2.38 6.38 -7.67
C PRO A 380 3.36 7.11 -8.58
N VAL A 381 4.39 7.75 -8.03
CA VAL A 381 5.34 8.53 -8.80
C VAL A 381 6.77 8.02 -8.63
N VAL A 382 7.23 7.91 -7.38
CA VAL A 382 8.67 7.73 -7.13
C VAL A 382 9.13 6.35 -7.56
N GLY A 383 10.11 6.32 -8.45
CA GLY A 383 10.58 5.05 -9.01
C GLY A 383 9.62 4.43 -9.98
N TYR A 384 8.60 5.16 -10.41
CA TYR A 384 7.55 4.57 -11.24
C TYR A 384 7.35 5.42 -12.49
N THR A 385 6.97 6.68 -12.32
CA THR A 385 6.74 7.57 -13.45
C THR A 385 7.69 8.76 -13.47
N ASP A 386 8.65 8.83 -12.56
CA ASP A 386 9.54 9.98 -12.49
C ASP A 386 10.93 9.69 -13.04
N TYR A 387 11.11 8.60 -13.78
CA TYR A 387 12.32 8.43 -14.57
C TYR A 387 12.17 9.31 -15.81
N PRO A 388 13.10 10.22 -16.06
CA PRO A 388 12.89 11.20 -17.13
C PRO A 388 13.10 10.60 -18.52
N PHE A 389 12.52 11.30 -19.50
CA PHE A 389 12.78 11.07 -20.90
C PHE A 389 14.13 11.68 -21.28
N LEU A 390 14.59 11.33 -22.47
CA LEU A 390 15.77 11.99 -23.03
C LEU A 390 15.61 13.50 -22.95
N GLN A 391 16.69 14.19 -22.62
CA GLN A 391 16.68 15.62 -22.37
C GLN A 391 16.20 16.44 -23.57
N ASN B 16 -13.39 -12.43 24.69
CA ASN B 16 -13.41 -11.06 24.20
C ASN B 16 -12.00 -10.60 23.83
N PRO B 17 -11.75 -10.46 22.53
CA PRO B 17 -10.40 -10.08 22.07
C PRO B 17 -9.94 -8.73 22.57
N LEU B 18 -10.85 -7.85 22.99
CA LEU B 18 -10.40 -6.60 23.59
C LEU B 18 -9.67 -6.82 24.91
N PHE B 19 -9.82 -7.97 25.53
CA PHE B 19 -9.13 -8.23 26.78
C PHE B 19 -8.05 -9.29 26.67
N SER B 20 -7.57 -9.55 25.47
CA SER B 20 -6.30 -10.25 25.40
C SER B 20 -5.17 -9.25 25.58
N PRO B 21 -4.18 -9.56 26.41
CA PRO B 21 -3.08 -8.63 26.63
C PRO B 21 -2.33 -8.33 25.34
N TYR B 22 -1.62 -7.21 25.34
CA TYR B 22 -0.91 -6.78 24.15
C TYR B 22 0.35 -6.02 24.56
N LYS B 23 1.47 -6.37 23.93
CA LYS B 23 2.76 -5.73 24.18
C LYS B 23 2.91 -4.57 23.20
N MET B 24 2.75 -3.35 23.70
CA MET B 24 2.90 -2.15 22.87
C MET B 24 4.30 -1.59 23.09
N GLY B 25 5.25 -2.15 22.35
CA GLY B 25 6.64 -1.76 22.55
C GLY B 25 7.09 -2.24 23.91
N LYS B 26 7.49 -1.32 24.77
CA LYS B 26 7.92 -1.72 26.10
C LYS B 26 6.79 -1.75 27.13
N PHE B 27 5.56 -1.50 26.72
CA PHE B 27 4.43 -1.43 27.64
C PHE B 27 3.55 -2.66 27.47
N ASN B 28 3.41 -3.43 28.54
CA ASN B 28 2.56 -4.62 28.56
C ASN B 28 1.14 -4.20 28.96
N LEU B 29 0.27 -4.06 27.96
CA LEU B 29 -1.11 -3.65 28.21
C LEU B 29 -1.97 -4.86 28.56
N SER B 30 -2.86 -4.67 29.53
CA SER B 30 -3.74 -5.77 29.94
C SER B 30 -4.97 -5.91 29.06
N HIS B 31 -5.31 -4.87 28.30
CA HIS B 31 -6.48 -4.89 27.42
C HIS B 31 -6.25 -3.83 26.35
N ARG B 32 -7.11 -3.84 25.34
CA ARG B 32 -6.89 -3.06 24.13
C ARG B 32 -7.82 -1.87 24.00
N VAL B 33 -8.51 -1.49 25.07
CA VAL B 33 -9.39 -0.32 25.06
C VAL B 33 -8.57 0.90 25.47
N VAL B 34 -8.44 1.86 24.54
CA VAL B 34 -7.57 3.02 24.71
C VAL B 34 -8.43 4.26 24.89
N LEU B 35 -8.05 5.13 25.82
CA LEU B 35 -8.67 6.44 25.90
C LEU B 35 -8.15 7.28 24.75
N ALA B 36 -9.02 7.64 23.81
CA ALA B 36 -8.61 8.47 22.71
C ALA B 36 -8.30 9.89 23.19
N PRO B 37 -7.37 10.59 22.53
CA PRO B 37 -7.04 11.96 22.94
C PRO B 37 -8.23 12.88 22.71
N MET B 38 -8.65 13.59 23.77
CA MET B 38 -9.85 14.42 23.65
C MET B 38 -9.64 15.79 24.29
N THR B 39 -9.64 16.82 23.46
CA THR B 39 -9.70 18.19 23.94
C THR B 39 -10.98 18.41 24.75
N ARG B 40 -10.84 18.94 25.97
CA ARG B 40 -11.98 19.21 26.85
C ARG B 40 -11.99 20.60 27.44
N CYS B 41 -10.88 21.34 27.40
CA CYS B 41 -10.86 22.77 27.69
C CYS B 41 -11.07 23.07 29.17
N ARG B 42 -10.63 22.15 30.06
CA ARG B 42 -10.65 22.44 31.49
C ARG B 42 -9.30 22.88 32.01
N ALA B 43 -8.27 22.94 31.17
CA ALA B 43 -6.92 23.34 31.59
C ALA B 43 -6.81 24.87 31.53
N LEU B 44 -7.46 25.51 32.50
CA LEU B 44 -7.57 26.96 32.49
C LEU B 44 -6.21 27.63 32.32
N ASN B 45 -6.16 28.61 31.41
CA ASN B 45 -4.95 29.40 31.14
C ASN B 45 -3.80 28.52 30.66
N ASN B 46 -4.16 27.41 30.00
CA ASN B 46 -3.25 26.42 29.45
C ASN B 46 -2.46 25.69 30.54
N ILE B 47 -2.87 25.80 31.79
CA ILE B 47 -2.23 25.09 32.89
C ILE B 47 -3.07 23.87 33.23
N PRO B 48 -2.50 22.67 33.20
CA PRO B 48 -3.22 21.49 33.71
C PRO B 48 -3.75 21.77 35.11
N GLN B 49 -5.01 21.42 35.32
CA GLN B 49 -5.71 21.67 36.58
C GLN B 49 -5.96 20.35 37.30
N ALA B 50 -6.28 20.46 38.58
CA ALA B 50 -6.59 19.28 39.37
C ALA B 50 -7.75 18.50 38.78
N ALA B 51 -8.67 19.19 38.09
CA ALA B 51 -9.80 18.49 37.49
C ALA B 51 -9.32 17.46 36.46
N LEU B 52 -8.25 17.77 35.74
CA LEU B 52 -7.70 16.81 34.78
C LEU B 52 -7.22 15.55 35.48
N GLY B 53 -6.59 15.71 36.66
CA GLY B 53 -6.15 14.55 37.41
C GLY B 53 -7.30 13.65 37.82
N GLU B 54 -8.37 14.24 38.35
CA GLU B 54 -9.54 13.45 38.69
C GLU B 54 -10.10 12.77 37.45
N TYR B 55 -10.19 13.50 36.33
CA TYR B 55 -10.77 12.96 35.11
C TYR B 55 -9.98 11.78 34.55
N TYR B 56 -8.66 11.94 34.43
CA TYR B 56 -7.85 10.82 33.91
C TYR B 56 -7.78 9.68 34.92
N GLU B 57 -7.73 10.00 36.22
CA GLU B 57 -7.72 8.95 37.23
C GLU B 57 -8.99 8.10 37.14
N GLN B 58 -10.13 8.75 36.89
CA GLN B 58 -11.41 8.03 36.79
C GLN B 58 -11.36 6.99 35.69
N ARG B 59 -10.64 7.27 34.62
CA ARG B 59 -10.66 6.44 33.44
C ARG B 59 -9.45 5.51 33.37
N ALA B 60 -8.45 5.73 34.19
CA ALA B 60 -7.28 4.88 34.25
C ALA B 60 -7.62 3.49 34.79
N THR B 61 -7.06 2.46 34.16
CA THR B 61 -7.18 1.08 34.61
C THR B 61 -5.79 0.44 34.66
N ALA B 62 -5.69 -0.65 35.40
CA ALA B 62 -4.41 -1.35 35.49
C ALA B 62 -4.08 -1.96 34.14
N GLY B 63 -2.94 -1.56 33.58
CA GLY B 63 -2.55 -2.02 32.25
C GLY B 63 -3.30 -1.39 31.10
N GLY B 64 -4.08 -0.34 31.36
CA GLY B 64 -4.77 0.36 30.30
C GLY B 64 -3.98 1.55 29.77
N PHE B 65 -4.20 1.87 28.50
CA PHE B 65 -3.46 2.92 27.81
C PHE B 65 -4.36 4.13 27.66
N LEU B 66 -3.85 5.29 28.10
CA LEU B 66 -4.54 6.57 28.01
C LEU B 66 -3.73 7.51 27.14
N ILE B 67 -4.41 8.26 26.28
CA ILE B 67 -3.78 9.34 25.52
C ILE B 67 -4.45 10.65 25.97
N THR B 68 -3.64 11.63 26.34
CA THR B 68 -4.22 12.89 26.80
C THR B 68 -4.82 13.68 25.65
N GLU B 69 -5.70 14.61 26.03
CA GLU B 69 -6.08 15.73 25.18
C GLU B 69 -4.88 16.32 24.46
N GLY B 70 -5.11 16.90 23.28
CA GLY B 70 -4.03 17.56 22.57
C GLY B 70 -3.41 18.66 23.42
N THR B 71 -2.10 18.72 23.42
CA THR B 71 -1.35 19.58 24.33
C THR B 71 -0.43 20.49 23.54
N MET B 72 -0.46 21.79 23.87
CA MET B 72 0.32 22.79 23.14
C MET B 72 1.82 22.52 23.26
N ILE B 73 2.52 22.71 22.14
CA ILE B 73 3.98 22.61 22.14
C ILE B 73 4.66 23.97 22.16
N SER B 74 3.89 25.05 22.09
CA SER B 74 4.44 26.39 21.90
C SER B 74 3.32 27.41 22.11
N PRO B 75 3.67 28.69 22.27
CA PRO B 75 2.61 29.70 22.46
C PRO B 75 1.69 29.89 21.26
N THR B 76 2.06 29.40 20.07
CA THR B 76 1.24 29.56 18.87
C THR B 76 0.38 28.32 18.57
N SER B 77 0.40 27.31 19.44
CA SER B 77 -0.13 25.99 19.13
C SER B 77 -1.63 25.86 19.31
N ALA B 78 -2.27 26.77 20.03
CA ALA B 78 -3.64 26.57 20.47
C ALA B 78 -4.66 27.14 19.50
N GLY B 79 -5.78 26.44 19.38
CA GLY B 79 -6.93 26.93 18.63
C GLY B 79 -8.23 26.59 19.34
N PHE B 80 -8.12 26.30 20.63
CA PHE B 80 -9.22 26.08 21.57
C PHE B 80 -8.89 26.82 22.86
N PRO B 81 -9.89 27.19 23.65
CA PRO B 81 -9.58 27.87 24.91
C PRO B 81 -9.23 26.86 25.99
N HIS B 82 -8.28 27.24 26.85
CA HIS B 82 -7.97 26.48 28.08
C HIS B 82 -7.60 25.04 27.78
N VAL B 83 -6.79 24.86 26.73
CA VAL B 83 -6.16 23.56 26.46
C VAL B 83 -4.79 23.59 27.12
N PRO B 84 -4.31 22.46 27.63
CA PRO B 84 -3.03 22.46 28.35
C PRO B 84 -1.87 22.58 27.40
N GLY B 85 -0.80 23.20 27.89
CA GLY B 85 0.49 23.17 27.23
C GLY B 85 1.46 22.28 27.98
N ILE B 86 2.60 22.04 27.36
CA ILE B 86 3.69 21.36 28.06
C ILE B 86 5.01 21.99 27.60
N PHE B 87 4.97 23.28 27.26
CA PHE B 87 6.18 23.99 26.88
C PHE B 87 6.76 24.85 28.00
N THR B 88 6.07 25.00 29.13
CA THR B 88 6.62 25.76 30.26
C THR B 88 6.87 24.84 31.44
N LYS B 89 7.79 25.25 32.31
CA LYS B 89 8.07 24.43 33.47
C LYS B 89 6.89 24.40 34.44
N GLU B 90 6.11 25.48 34.49
CA GLU B 90 4.88 25.45 35.27
C GLU B 90 3.93 24.38 34.76
N GLN B 91 3.79 24.25 33.44
CA GLN B 91 2.93 23.21 32.90
C GLN B 91 3.47 21.83 33.23
N VAL B 92 4.78 21.64 33.15
CA VAL B 92 5.38 20.34 33.47
C VAL B 92 5.07 19.97 34.92
N ARG B 93 5.21 20.93 35.84
N ARG B 93 5.23 20.93 35.83
CA ARG B 93 4.98 20.64 37.25
CA ARG B 93 4.97 20.68 37.25
C ARG B 93 3.55 20.16 37.48
C ARG B 93 3.55 20.15 37.47
N GLU B 94 2.56 20.81 36.86
CA GLU B 94 1.18 20.41 37.08
C GLU B 94 0.84 19.11 36.35
N TRP B 95 1.46 18.87 35.20
CA TRP B 95 1.26 17.59 34.52
C TRP B 95 1.77 16.43 35.38
N LYS B 96 2.90 16.63 36.07
CA LYS B 96 3.46 15.55 36.87
C LYS B 96 2.46 15.05 37.91
N LYS B 97 1.70 15.96 38.52
CA LYS B 97 0.72 15.55 39.51
C LYS B 97 -0.35 14.66 38.88
N ILE B 98 -0.75 14.97 37.65
CA ILE B 98 -1.75 14.18 36.94
C ILE B 98 -1.18 12.83 36.53
N VAL B 99 0.05 12.84 36.01
CA VAL B 99 0.67 11.59 35.58
C VAL B 99 0.84 10.66 36.78
N ASP B 100 1.19 11.22 37.94
CA ASP B 100 1.40 10.39 39.14
C ASP B 100 0.13 9.67 39.55
N VAL B 101 -1.01 10.37 39.56
CA VAL B 101 -2.24 9.72 39.99
C VAL B 101 -2.69 8.67 38.97
N VAL B 102 -2.41 8.91 37.68
CA VAL B 102 -2.72 7.89 36.68
C VAL B 102 -1.81 6.67 36.87
N HIS B 103 -0.53 6.91 37.15
CA HIS B 103 0.39 5.79 37.33
C HIS B 103 0.07 4.99 38.58
N ALA B 104 -0.48 5.64 39.62
CA ALA B 104 -0.89 4.92 40.82
C ALA B 104 -1.99 3.90 40.53
N LYS B 105 -2.76 4.10 39.46
CA LYS B 105 -3.77 3.14 39.02
C LYS B 105 -3.20 2.06 38.12
N GLY B 106 -1.93 2.16 37.75
CA GLY B 106 -1.31 1.16 36.92
C GLY B 106 -1.49 1.36 35.43
N ALA B 107 -1.86 2.58 35.01
CA ALA B 107 -2.10 2.84 33.60
C ALA B 107 -0.86 3.40 32.92
N VAL B 108 -0.83 3.23 31.60
CA VAL B 108 0.17 3.85 30.73
C VAL B 108 -0.46 5.11 30.13
N ILE B 109 0.31 6.20 30.09
CA ILE B 109 -0.27 7.44 29.58
C ILE B 109 0.72 8.17 28.69
N PHE B 110 0.25 8.52 27.48
CA PHE B 110 1.00 9.32 26.54
C PHE B 110 0.37 10.71 26.47
N CYS B 111 1.21 11.72 26.28
CA CYS B 111 0.74 13.09 26.08
C CYS B 111 0.72 13.39 24.58
N GLN B 112 -0.45 13.77 24.07
CA GLN B 112 -0.55 14.11 22.64
C GLN B 112 -0.07 15.54 22.43
N LEU B 113 0.91 15.71 21.55
CA LEU B 113 1.49 17.01 21.22
C LEU B 113 0.76 17.58 20.02
N TRP B 114 0.15 18.74 20.18
CA TRP B 114 -0.85 19.26 19.25
C TRP B 114 -0.53 20.70 18.88
N HIS B 115 -0.29 20.94 17.60
CA HIS B 115 -0.23 22.30 17.06
C HIS B 115 -1.32 22.43 16.01
N VAL B 116 -2.21 23.41 16.18
CA VAL B 116 -3.36 23.56 15.29
C VAL B 116 -3.04 24.26 13.99
N GLY B 117 -1.88 24.90 13.88
CA GLY B 117 -1.55 25.63 12.67
C GLY B 117 -2.60 26.69 12.36
N ARG B 118 -3.16 26.64 11.15
CA ARG B 118 -4.07 27.69 10.69
C ARG B 118 -5.42 27.62 11.38
N ALA B 119 -5.70 26.54 12.10
CA ALA B 119 -6.98 26.34 12.78
C ALA B 119 -6.95 27.04 14.13
N SER B 120 -6.75 28.35 14.09
CA SER B 120 -6.67 29.17 15.29
C SER B 120 -7.32 30.52 14.99
N HIS B 121 -7.04 31.50 15.84
CA HIS B 121 -7.66 32.82 15.78
C HIS B 121 -6.75 33.79 16.51
N GLU B 122 -6.87 35.07 16.17
CA GLU B 122 -6.11 36.12 16.86
C GLU B 122 -6.21 35.96 18.37
N VAL B 123 -7.39 35.59 18.87
CA VAL B 123 -7.62 35.56 20.31
C VAL B 123 -6.76 34.50 20.98
N TYR B 124 -6.27 33.52 20.21
CA TYR B 124 -5.47 32.45 20.77
C TYR B 124 -3.99 32.61 20.47
N GLN B 125 -3.58 33.68 19.78
CA GLN B 125 -2.19 33.83 19.37
C GLN B 125 -1.49 34.91 20.16
N PRO B 126 -0.19 34.78 20.41
CA PRO B 126 0.54 35.85 21.11
C PRO B 126 0.48 37.13 20.30
N ALA B 127 0.28 38.25 21.00
CA ALA B 127 0.15 39.57 20.39
C ALA B 127 -0.96 39.64 19.35
N GLY B 128 -1.89 38.68 19.37
CA GLY B 128 -2.91 38.61 18.34
C GLY B 128 -2.37 38.37 16.95
N ALA B 129 -1.20 37.75 16.83
CA ALA B 129 -0.61 37.49 15.52
C ALA B 129 -1.45 36.49 14.73
N ALA B 130 -1.25 36.47 13.42
CA ALA B 130 -1.94 35.50 12.58
C ALA B 130 -1.47 34.08 12.94
N PRO B 131 -2.36 33.09 12.89
CA PRO B 131 -1.92 31.69 13.03
C PRO B 131 -0.93 31.32 11.92
N ILE B 132 -0.09 30.32 12.20
CA ILE B 132 0.96 29.91 11.27
C ILE B 132 0.53 28.64 10.55
N SER B 133 1.06 28.43 9.35
CA SER B 133 0.65 27.29 8.55
C SER B 133 1.66 27.04 7.44
N SER B 134 1.41 26.01 6.65
CA SER B 134 2.16 25.79 5.42
C SER B 134 1.79 26.79 4.35
N THR B 135 0.61 27.40 4.49
CA THR B 135 -0.05 28.13 3.42
C THR B 135 -0.64 29.42 3.98
N GLU B 136 -0.97 30.34 3.08
CA GLU B 136 -1.77 31.52 3.39
C GLU B 136 -3.26 31.30 3.18
N LYS B 137 -3.67 30.13 2.73
CA LYS B 137 -5.09 29.87 2.50
C LYS B 137 -5.80 29.65 3.82
N PRO B 138 -6.89 30.35 4.09
CA PRO B 138 -7.64 30.10 5.32
C PRO B 138 -8.57 28.91 5.18
N ILE B 139 -8.91 28.32 6.33
CA ILE B 139 -10.04 27.41 6.39
C ILE B 139 -11.28 28.14 5.91
N SER B 140 -12.14 27.45 5.16
CA SER B 140 -13.30 28.12 4.58
C SER B 140 -14.34 28.42 5.66
N ASN B 141 -15.25 29.34 5.34
CA ASN B 141 -16.27 29.69 6.35
C ASN B 141 -17.34 28.58 6.53
N ARG B 142 -17.24 27.42 5.89
CA ARG B 142 -18.02 26.26 6.32
C ARG B 142 -17.72 25.88 7.76
N TRP B 143 -16.52 26.22 8.26
CA TRP B 143 -16.06 25.83 9.58
C TRP B 143 -15.95 27.05 10.47
N ARG B 144 -16.26 26.85 11.75
CA ARG B 144 -16.20 27.91 12.76
C ARG B 144 -15.33 27.47 13.91
N ILE B 145 -14.62 28.44 14.51
CA ILE B 145 -13.77 28.18 15.66
C ILE B 145 -14.52 28.56 16.93
N LEU B 146 -14.41 27.72 17.94
CA LEU B 146 -14.97 28.04 19.25
C LEU B 146 -14.15 29.15 19.91
N MET B 147 -14.81 30.24 20.27
CA MET B 147 -14.21 31.37 20.96
C MET B 147 -14.26 31.17 22.46
N PRO B 148 -13.44 31.89 23.22
CA PRO B 148 -13.44 31.70 24.69
C PRO B 148 -14.77 32.01 25.35
N ASP B 149 -15.62 32.84 24.75
CA ASP B 149 -16.91 33.13 25.35
C ASP B 149 -18.01 32.19 24.88
N GLY B 150 -17.66 31.18 24.09
CA GLY B 150 -18.63 30.20 23.66
C GLY B 150 -19.34 30.52 22.38
N THR B 151 -19.04 31.66 21.77
CA THR B 151 -19.51 31.96 20.43
C THR B 151 -18.63 31.26 19.42
N HIS B 152 -19.03 31.35 18.15
CA HIS B 152 -18.27 30.77 17.05
C HIS B 152 -17.65 31.91 16.24
N GLY B 153 -16.36 31.80 15.95
CA GLY B 153 -15.66 32.82 15.20
C GLY B 153 -15.23 32.32 13.83
N ILE B 154 -14.66 33.25 13.06
CA ILE B 154 -14.19 32.97 11.72
C ILE B 154 -12.72 32.59 11.78
N TYR B 155 -12.34 31.55 11.06
CA TYR B 155 -10.93 31.24 10.92
C TYR B 155 -10.27 32.31 10.05
N PRO B 156 -9.17 32.89 10.50
CA PRO B 156 -8.53 33.98 9.75
C PRO B 156 -7.55 33.48 8.72
N LYS B 157 -6.98 34.40 7.96
CA LYS B 157 -5.92 34.04 7.03
C LYS B 157 -4.66 33.72 7.81
N PRO B 158 -4.02 32.58 7.59
CA PRO B 158 -2.79 32.25 8.30
C PRO B 158 -1.56 32.84 7.61
N ARG B 159 -0.44 32.77 8.32
CA ARG B 159 0.85 33.14 7.78
C ARG B 159 1.61 31.88 7.38
N ALA B 160 2.11 31.84 6.15
CA ALA B 160 2.89 30.71 5.65
C ALA B 160 4.34 30.85 6.12
N ILE B 161 4.80 29.89 6.92
CA ILE B 161 6.12 30.00 7.55
C ILE B 161 7.19 29.50 6.58
N GLY B 162 8.38 30.08 6.70
CA GLY B 162 9.54 29.63 5.95
C GLY B 162 10.19 28.43 6.63
N THR B 163 11.28 27.95 6.01
CA THR B 163 11.86 26.70 6.49
C THR B 163 12.63 26.87 7.79
N TYR B 164 13.19 28.05 8.06
CA TYR B 164 13.78 28.26 9.38
C TYR B 164 12.71 28.13 10.47
N GLU B 165 11.56 28.78 10.28
CA GLU B 165 10.51 28.69 11.29
C GLU B 165 9.95 27.26 11.38
N ILE B 166 9.89 26.53 10.26
CA ILE B 166 9.53 25.12 10.33
C ILE B 166 10.47 24.37 11.25
N SER B 167 11.78 24.63 11.13
CA SER B 167 12.75 23.93 11.96
C SER B 167 12.57 24.30 13.43
N GLN B 168 12.11 25.52 13.71
CA GLN B 168 11.85 25.88 15.09
C GLN B 168 10.60 25.18 15.62
N VAL B 169 9.59 24.98 14.76
CA VAL B 169 8.43 24.20 15.20
C VAL B 169 8.83 22.76 15.51
N VAL B 170 9.70 22.18 14.66
CA VAL B 170 10.20 20.84 14.95
C VAL B 170 10.89 20.83 16.32
N GLU B 171 11.66 21.88 16.61
CA GLU B 171 12.31 21.99 17.90
C GLU B 171 11.30 22.12 19.03
N ASP B 172 10.19 22.83 18.80
CA ASP B 172 9.11 22.86 19.79
C ASP B 172 8.57 21.46 20.07
N TYR B 173 8.40 20.63 19.03
CA TYR B 173 7.98 19.24 19.28
C TYR B 173 9.02 18.50 20.11
N ARG B 174 10.30 18.69 19.79
CA ARG B 174 11.36 17.96 20.48
C ARG B 174 11.40 18.35 21.96
N ARG B 175 11.38 19.66 22.23
CA ARG B 175 11.41 20.16 23.60
C ARG B 175 10.20 19.69 24.38
N SER B 176 9.02 19.73 23.73
CA SER B 176 7.80 19.30 24.43
C SER B 176 7.83 17.80 24.73
N ALA B 177 8.39 16.99 23.83
CA ALA B 177 8.50 15.56 24.13
C ALA B 177 9.42 15.34 25.32
N LEU B 178 10.52 16.09 25.39
CA LEU B 178 11.40 16.01 26.56
C LEU B 178 10.66 16.46 27.81
N ASN B 179 9.86 17.53 27.70
CA ASN B 179 9.10 18.00 28.86
C ASN B 179 8.09 16.96 29.33
N ALA B 180 7.49 16.22 28.39
CA ALA B 180 6.54 15.18 28.78
C ALA B 180 7.22 14.06 29.54
N ILE B 181 8.42 13.67 29.10
CA ILE B 181 9.17 12.66 29.84
C ILE B 181 9.54 13.19 31.23
N GLU B 182 9.86 14.48 31.31
CA GLU B 182 10.17 15.09 32.60
C GLU B 182 8.96 15.10 33.52
N ALA B 183 7.76 15.32 32.95
CA ALA B 183 6.54 15.23 33.74
C ALA B 183 6.19 13.81 34.12
N GLY B 184 6.86 12.80 33.55
CA GLY B 184 6.61 11.43 33.89
C GLY B 184 5.81 10.65 32.87
N PHE B 185 5.36 11.29 31.79
CA PHE B 185 4.61 10.57 30.76
C PHE B 185 5.43 9.39 30.26
N ASP B 186 4.73 8.29 29.94
CA ASP B 186 5.38 7.14 29.36
C ASP B 186 5.81 7.37 27.92
N GLY B 187 5.19 8.35 27.25
CA GLY B 187 5.54 8.65 25.88
C GLY B 187 4.69 9.80 25.39
N ILE B 188 4.80 10.08 24.10
CA ILE B 188 4.03 11.15 23.48
C ILE B 188 3.38 10.62 22.21
N GLU B 189 2.32 11.30 21.78
CA GLU B 189 1.69 11.04 20.50
C GLU B 189 1.78 12.30 19.66
N ILE B 190 2.26 12.15 18.43
CA ILE B 190 2.30 13.26 17.49
C ILE B 190 0.95 13.38 16.82
N HIS B 191 0.27 14.51 17.05
CA HIS B 191 -1.00 14.77 16.37
C HIS B 191 -0.68 15.23 14.96
N GLY B 192 -0.69 14.28 14.02
CA GLY B 192 -0.45 14.66 12.64
C GLY B 192 -1.68 14.50 11.79
N ALA B 193 -2.86 14.72 12.38
CA ALA B 193 -4.12 14.39 11.73
C ALA B 193 -5.04 15.61 11.69
N HIS B 194 -6.21 15.40 11.07
CA HIS B 194 -7.40 16.22 11.25
C HIS B 194 -7.21 17.67 10.81
N GLY B 195 -6.41 17.90 9.77
CA GLY B 195 -6.27 19.24 9.26
C GLY B 195 -5.52 20.22 10.15
N TYR B 196 -4.80 19.75 11.16
CA TYR B 196 -4.02 20.65 12.01
C TYR B 196 -2.64 20.83 11.36
N LEU B 197 -1.66 21.41 12.07
CA LEU B 197 -0.48 21.96 11.40
C LEU B 197 0.23 20.92 10.53
N ILE B 198 0.53 19.74 11.09
CA ILE B 198 1.24 18.72 10.30
C ILE B 198 0.43 18.32 9.08
N ASP B 199 -0.88 18.14 9.25
CA ASP B 199 -1.74 17.77 8.14
C ASP B 199 -1.87 18.89 7.12
N GLN B 200 -1.69 20.16 7.55
CA GLN B 200 -1.67 21.26 6.60
C GLN B 200 -0.46 21.20 5.68
N PHE B 201 0.58 20.48 6.08
CA PHE B 201 1.70 20.17 5.18
C PHE B 201 1.42 18.92 4.36
N LEU B 202 0.76 17.93 4.95
CA LEU B 202 0.55 16.65 4.25
C LEU B 202 -0.43 16.78 3.09
N LYS B 203 -1.53 17.50 3.28
CA LYS B 203 -2.67 17.43 2.37
C LYS B 203 -2.46 18.37 1.18
N ASP B 204 -2.61 17.84 -0.05
CA ASP B 204 -2.38 18.73 -1.21
C ASP B 204 -3.57 19.64 -1.47
N GLY B 205 -4.70 19.43 -0.79
CA GLY B 205 -5.74 20.44 -0.75
C GLY B 205 -5.42 21.65 0.11
N ILE B 206 -4.33 21.59 0.90
CA ILE B 206 -3.92 22.69 1.76
C ILE B 206 -2.53 23.21 1.36
N ASN B 207 -1.58 22.30 1.19
CA ASN B 207 -0.18 22.67 0.94
C ASN B 207 -0.02 23.12 -0.51
N ASP B 208 0.06 24.44 -0.70
CA ASP B 208 0.33 25.02 -2.01
C ASP B 208 1.73 25.61 -2.09
N ARG B 209 2.67 25.06 -1.30
CA ARG B 209 4.02 25.59 -1.26
C ARG B 209 4.78 25.25 -2.53
N THR B 210 5.74 26.11 -2.87
CA THR B 210 6.60 25.85 -4.01
C THR B 210 8.04 25.56 -3.60
N ASP B 211 8.32 25.46 -2.30
CA ASP B 211 9.67 25.17 -1.83
C ASP B 211 9.80 23.68 -1.54
N GLU B 212 10.83 23.29 -0.79
N GLU B 212 10.83 23.29 -0.79
CA GLU B 212 11.11 21.88 -0.58
CA GLU B 212 11.10 21.87 -0.60
C GLU B 212 10.13 21.20 0.36
C GLU B 212 10.10 21.19 0.33
N TYR B 213 9.13 21.91 0.90
CA TYR B 213 8.09 21.29 1.70
C TYR B 213 6.77 21.17 0.95
N GLY B 214 6.74 21.50 -0.35
CA GLY B 214 5.50 21.47 -1.10
C GLY B 214 5.68 20.78 -2.44
N GLY B 215 4.56 20.50 -3.08
CA GLY B 215 4.54 19.85 -4.37
C GLY B 215 4.43 18.35 -4.23
N SER B 216 5.55 17.66 -4.41
CA SER B 216 5.54 16.22 -4.46
C SER B 216 5.09 15.62 -3.13
N LEU B 217 4.66 14.36 -3.19
N LEU B 217 4.61 14.37 -3.20
CA LEU B 217 4.27 13.64 -1.99
CA LEU B 217 4.29 13.63 -1.99
C LEU B 217 5.44 13.54 -1.01
C LEU B 217 5.46 13.63 -1.02
N ALA B 218 6.65 13.36 -1.54
CA ALA B 218 7.84 13.32 -0.69
C ALA B 218 8.03 14.65 0.02
N ASN B 219 7.89 15.77 -0.70
CA ASN B 219 8.08 17.06 -0.05
C ASN B 219 6.98 17.30 0.98
N ARG B 220 5.76 16.87 0.70
CA ARG B 220 4.66 17.12 1.61
C ARG B 220 4.83 16.31 2.89
N CYS B 221 5.52 15.18 2.81
CA CYS B 221 5.78 14.32 3.97
C CYS B 221 7.01 14.76 4.76
N LYS B 222 7.74 15.77 4.29
CA LYS B 222 8.99 16.13 4.94
C LYS B 222 8.75 16.60 6.36
N PHE B 223 7.72 17.42 6.57
CA PHE B 223 7.51 17.99 7.91
C PHE B 223 7.24 16.90 8.94
N ILE B 224 6.26 16.02 8.69
CA ILE B 224 5.96 14.97 9.66
C ILE B 224 7.17 14.06 9.88
N THR B 225 7.94 13.79 8.82
CA THR B 225 9.13 12.96 8.98
C THR B 225 10.11 13.62 9.93
N GLN B 226 10.34 14.92 9.74
CA GLN B 226 11.26 15.66 10.59
C GLN B 226 10.77 15.74 12.03
N VAL B 227 9.45 15.93 12.20
CA VAL B 227 8.89 15.96 13.54
C VAL B 227 9.10 14.62 14.24
N VAL B 228 8.76 13.53 13.56
CA VAL B 228 8.87 12.23 14.21
C VAL B 228 10.33 11.88 14.47
N GLN B 229 11.20 12.14 13.50
CA GLN B 229 12.63 11.91 13.70
C GLN B 229 13.13 12.66 14.93
N ALA B 230 12.74 13.94 15.06
CA ALA B 230 13.20 14.75 16.18
C ALA B 230 12.77 14.14 17.52
N VAL B 231 11.50 13.74 17.64
CA VAL B 231 11.04 13.25 18.93
C VAL B 231 11.57 11.83 19.19
N VAL B 232 11.72 11.04 18.13
CA VAL B 232 12.36 9.72 18.26
C VAL B 232 13.78 9.87 18.78
N SER B 233 14.54 10.79 18.20
CA SER B 233 15.91 11.03 18.66
C SER B 233 15.93 11.51 20.11
N ALA B 234 14.89 12.23 20.53
CA ALA B 234 14.89 12.84 21.87
C ALA B 234 14.56 11.82 22.95
N ILE B 235 13.52 11.00 22.74
CA ILE B 235 12.99 10.17 23.82
C ILE B 235 12.93 8.69 23.46
N GLY B 236 13.27 8.32 22.25
CA GLY B 236 13.21 6.93 21.84
C GLY B 236 11.95 6.58 21.07
N ALA B 237 12.11 5.79 20.01
CA ALA B 237 10.96 5.44 19.19
C ALA B 237 9.87 4.72 19.98
N ASP B 238 10.23 3.87 20.95
CA ASP B 238 9.20 3.12 21.67
C ASP B 238 8.30 3.98 22.53
N ARG B 239 8.62 5.27 22.68
CA ARG B 239 7.81 6.21 23.44
C ARG B 239 7.09 7.21 22.54
N VAL B 240 6.99 6.91 21.25
CA VAL B 240 6.44 7.86 20.28
C VAL B 240 5.36 7.17 19.47
N GLY B 241 4.13 7.67 19.58
CA GLY B 241 3.07 7.27 18.68
C GLY B 241 2.79 8.38 17.69
N VAL B 242 2.22 8.04 16.54
CA VAL B 242 1.94 9.01 15.48
C VAL B 242 0.49 8.83 15.07
N ARG B 243 -0.26 9.94 15.03
CA ARG B 243 -1.64 9.90 14.59
C ARG B 243 -1.79 10.61 13.25
N VAL B 244 -2.41 9.95 12.28
CA VAL B 244 -2.69 10.56 10.99
C VAL B 244 -4.11 10.24 10.59
N SER B 245 -4.59 10.99 9.62
CA SER B 245 -5.95 10.79 9.08
C SER B 245 -5.93 11.14 7.61
N PRO B 246 -5.44 10.24 6.77
CA PRO B 246 -5.31 10.59 5.35
C PRO B 246 -6.62 10.95 4.70
N ALA B 247 -7.73 10.35 5.12
CA ALA B 247 -9.06 10.67 4.62
C ALA B 247 -9.87 11.20 5.80
N ILE B 248 -10.20 12.50 5.77
CA ILE B 248 -10.94 13.11 6.86
C ILE B 248 -11.72 14.30 6.29
N ASP B 249 -12.91 14.53 6.84
CA ASP B 249 -13.71 15.71 6.53
C ASP B 249 -13.66 16.60 7.77
N HIS B 250 -12.58 17.38 7.87
CA HIS B 250 -12.36 18.27 9.00
C HIS B 250 -11.46 19.41 8.54
N LEU B 251 -11.97 20.65 8.61
CA LEU B 251 -11.17 21.85 8.38
C LEU B 251 -10.49 21.84 7.01
N ASP B 252 -11.20 21.35 5.99
CA ASP B 252 -10.75 21.39 4.60
C ASP B 252 -9.43 20.65 4.41
N ALA B 253 -9.30 19.50 5.05
CA ALA B 253 -8.07 18.71 5.00
C ALA B 253 -8.16 17.60 3.94
N MET B 254 -8.32 18.01 2.69
CA MET B 254 -8.54 17.08 1.59
C MET B 254 -7.25 16.76 0.85
N ASP B 255 -7.19 15.57 0.27
CA ASP B 255 -6.06 15.19 -0.56
C ASP B 255 -6.59 14.51 -1.82
N SER B 256 -5.88 14.72 -2.92
CA SER B 256 -6.30 14.14 -4.19
C SER B 256 -6.15 12.61 -4.20
N ASN B 257 -5.28 12.07 -3.35
CA ASN B 257 -5.05 10.63 -3.31
C ASN B 257 -4.77 10.22 -1.87
N PRO B 258 -5.83 10.16 -1.05
CA PRO B 258 -5.64 9.86 0.39
C PRO B 258 -4.90 8.57 0.66
N LEU B 259 -5.17 7.51 -0.10
CA LEU B 259 -4.52 6.24 0.19
C LEU B 259 -3.02 6.34 -0.07
N SER B 260 -2.63 6.95 -1.18
N SER B 260 -2.62 6.97 -1.17
CA SER B 260 -1.21 7.13 -1.47
CA SER B 260 -1.20 7.12 -1.46
C SER B 260 -0.54 8.01 -0.43
C SER B 260 -0.52 8.02 -0.43
N LEU B 261 -1.23 9.07 0.01
CA LEU B 261 -0.67 9.91 1.07
C LEU B 261 -0.43 9.09 2.33
N GLY B 262 -1.42 8.29 2.72
CA GLY B 262 -1.25 7.45 3.89
C GLY B 262 -0.10 6.48 3.75
N LEU B 263 -0.01 5.81 2.60
CA LEU B 263 1.10 4.86 2.41
C LEU B 263 2.44 5.56 2.37
N ALA B 264 2.50 6.78 1.83
CA ALA B 264 3.76 7.52 1.84
C ALA B 264 4.20 7.82 3.26
N VAL B 265 3.26 8.20 4.11
CA VAL B 265 3.59 8.45 5.51
C VAL B 265 4.05 7.16 6.17
N VAL B 266 3.31 6.06 5.94
CA VAL B 266 3.66 4.77 6.53
C VAL B 266 5.06 4.35 6.10
N GLU B 267 5.38 4.54 4.82
CA GLU B 267 6.71 4.14 4.37
C GLU B 267 7.78 4.94 5.12
N ARG B 268 7.52 6.22 5.37
CA ARG B 268 8.51 7.02 6.09
C ARG B 268 8.62 6.59 7.55
N LEU B 269 7.51 6.23 8.18
CA LEU B 269 7.60 5.69 9.54
C LEU B 269 8.35 4.37 9.57
N ASN B 270 8.09 3.49 8.60
CA ASN B 270 8.84 2.25 8.51
C ASN B 270 10.34 2.51 8.38
N LYS B 271 10.71 3.51 7.58
CA LYS B 271 12.12 3.83 7.38
C LYS B 271 12.75 4.40 8.63
N ILE B 272 12.00 5.24 9.36
CA ILE B 272 12.50 5.77 10.63
C ILE B 272 12.78 4.63 11.60
N GLN B 273 11.87 3.67 11.69
CA GLN B 273 12.05 2.52 12.57
C GLN B 273 13.31 1.74 12.19
N LEU B 274 13.49 1.44 10.90
CA LEU B 274 14.66 0.68 10.49
C LEU B 274 15.95 1.47 10.78
N HIS B 275 15.91 2.79 10.59
CA HIS B 275 17.11 3.60 10.81
C HIS B 275 17.41 3.79 12.29
N SER B 276 16.39 4.01 13.11
CA SER B 276 16.61 4.17 14.55
C SER B 276 16.76 2.84 15.27
N GLY B 277 16.60 1.74 14.56
CA GLY B 277 16.82 0.43 15.13
C GLY B 277 15.68 -0.13 15.95
N SER B 278 14.49 0.47 15.91
CA SER B 278 13.43 -0.04 16.75
C SER B 278 12.10 0.62 16.39
N LYS B 279 11.02 0.03 16.88
CA LYS B 279 9.67 0.37 16.41
C LYS B 279 9.08 1.52 17.22
N LEU B 280 8.27 2.33 16.54
CA LEU B 280 7.44 3.31 17.22
C LEU B 280 6.49 2.61 18.18
N ALA B 281 5.94 3.37 19.11
CA ALA B 281 4.91 2.79 19.98
C ALA B 281 3.72 2.33 19.17
N TYR B 282 3.28 3.14 18.21
CA TYR B 282 2.12 2.74 17.41
C TYR B 282 1.87 3.78 16.33
N LEU B 283 1.07 3.37 15.35
CA LEU B 283 0.43 4.25 14.39
C LEU B 283 -1.06 4.30 14.72
N HIS B 284 -1.62 5.51 14.75
CA HIS B 284 -2.99 5.75 15.18
C HIS B 284 -3.70 6.40 14.01
N VAL B 285 -4.76 5.77 13.50
CA VAL B 285 -5.41 6.26 12.29
C VAL B 285 -6.90 6.45 12.56
N THR B 286 -7.42 7.61 12.15
CA THR B 286 -8.83 7.91 12.30
C THR B 286 -9.63 7.31 11.14
N GLN B 287 -10.70 6.61 11.47
CA GLN B 287 -11.67 6.16 10.48
C GLN B 287 -12.22 7.37 9.73
N PRO B 288 -12.25 7.34 8.40
CA PRO B 288 -12.80 8.47 7.65
C PRO B 288 -14.24 8.80 8.00
N ARG B 289 -14.98 7.86 8.59
CA ARG B 289 -16.38 8.12 8.95
C ARG B 289 -16.51 9.11 10.09
N TYR B 290 -15.42 9.41 10.79
CA TYR B 290 -15.51 10.22 12.00
C TYR B 290 -15.39 11.70 11.68
N VAL B 291 -16.38 12.48 12.14
CA VAL B 291 -16.38 13.92 11.95
C VAL B 291 -16.70 14.56 13.29
N ALA B 292 -16.31 15.83 13.40
CA ALA B 292 -16.59 16.61 14.61
C ALA B 292 -18.01 17.16 14.64
N TYR B 293 -18.62 17.36 13.48
CA TYR B 293 -19.87 18.14 13.36
C TYR B 293 -21.13 17.29 13.42
N GLY B 294 -21.04 16.02 13.75
CA GLY B 294 -22.24 15.20 13.78
C GLY B 294 -21.93 13.74 14.05
N GLN B 295 -22.94 12.92 13.83
CA GLN B 295 -22.81 11.51 14.08
C GLN B 295 -21.92 10.84 13.03
N THR B 296 -21.33 9.72 13.42
CA THR B 296 -20.49 8.91 12.55
C THR B 296 -21.31 8.20 11.48
N GLY B 302 -16.88 8.90 0.33
CA GLY B 302 -16.37 7.61 -0.13
C GLY B 302 -17.21 6.46 0.42
N SER B 303 -17.25 5.35 -0.32
CA SER B 303 -18.06 4.22 0.12
C SER B 303 -17.51 3.63 1.41
N GLU B 304 -18.40 2.93 2.13
CA GLU B 304 -17.98 2.22 3.33
C GLU B 304 -16.87 1.22 3.03
N GLU B 305 -16.88 0.60 1.85
CA GLU B 305 -15.84 -0.36 1.54
C GLU B 305 -14.52 0.33 1.20
N GLU B 306 -14.58 1.46 0.49
CA GLU B 306 -13.37 2.26 0.28
C GLU B 306 -12.75 2.66 1.61
N GLU B 307 -13.58 3.06 2.58
CA GLU B 307 -13.03 3.47 3.87
C GLU B 307 -12.42 2.27 4.59
N ALA B 308 -13.01 1.08 4.43
CA ALA B 308 -12.45 -0.12 5.01
C ALA B 308 -11.16 -0.53 4.31
N ARG B 309 -11.12 -0.42 2.97
N ARG B 309 -11.12 -0.41 2.98
CA ARG B 309 -9.88 -0.70 2.25
CA ARG B 309 -9.90 -0.70 2.25
C ARG B 309 -8.77 0.23 2.72
C ARG B 309 -8.76 0.24 2.68
N LEU B 310 -9.09 1.50 2.94
CA LEU B 310 -8.04 2.45 3.34
C LEU B 310 -7.46 2.08 4.69
N MET B 311 -8.32 1.73 5.66
CA MET B 311 -7.84 1.39 6.99
C MET B 311 -7.01 0.12 6.99
N ARG B 312 -7.48 -0.92 6.28
CA ARG B 312 -6.71 -2.14 6.28
C ARG B 312 -5.43 -2.01 5.46
N THR B 313 -5.46 -1.22 4.39
CA THR B 313 -4.25 -1.05 3.58
C THR B 313 -3.16 -0.36 4.39
N LEU B 314 -3.53 0.65 5.19
CA LEU B 314 -2.54 1.32 6.02
C LEU B 314 -2.02 0.39 7.10
N ARG B 315 -2.93 -0.33 7.76
CA ARG B 315 -2.51 -1.30 8.78
C ARG B 315 -1.51 -2.30 8.19
N ASN B 316 -1.86 -2.89 7.05
CA ASN B 316 -1.02 -3.93 6.47
C ASN B 316 0.33 -3.40 6.04
N ALA B 317 0.40 -2.12 5.65
CA ALA B 317 1.63 -1.52 5.19
C ALA B 317 2.58 -1.15 6.31
N TYR B 318 2.08 -0.99 7.53
CA TYR B 318 2.86 -0.44 8.62
C TYR B 318 3.46 -1.56 9.47
N GLN B 319 4.78 -1.51 9.66
CA GLN B 319 5.50 -2.49 10.49
C GLN B 319 5.37 -2.10 11.95
N GLY B 320 4.23 -2.44 12.55
CA GLY B 320 4.09 -2.17 13.96
C GLY B 320 2.63 -2.16 14.41
N THR B 321 2.44 -1.54 15.58
CA THR B 321 1.16 -1.53 16.27
C THR B 321 0.21 -0.52 15.64
N PHE B 322 -1.04 -0.92 15.46
CA PHE B 322 -2.05 -0.09 14.80
C PHE B 322 -3.22 0.14 15.74
N ILE B 323 -3.50 1.42 16.02
CA ILE B 323 -4.66 1.82 16.80
C ILE B 323 -5.67 2.44 15.85
N CYS B 324 -6.89 1.92 15.83
CA CYS B 324 -7.96 2.52 15.05
C CYS B 324 -8.83 3.37 15.97
N SER B 325 -9.45 4.40 15.40
CA SER B 325 -10.28 5.30 16.18
C SER B 325 -11.35 5.89 15.29
N GLY B 326 -12.52 6.17 15.88
CA GLY B 326 -13.55 6.91 15.17
C GLY B 326 -14.82 6.12 15.02
N GLY B 327 -15.81 6.38 15.88
CA GLY B 327 -17.08 5.70 15.77
C GLY B 327 -17.11 4.27 16.26
N TYR B 328 -16.15 3.85 17.08
CA TYR B 328 -16.17 2.48 17.55
C TYR B 328 -17.17 2.30 18.70
N THR B 329 -17.77 1.13 18.70
CA THR B 329 -18.65 0.62 19.73
C THR B 329 -17.98 -0.60 20.35
N ARG B 330 -18.65 -1.20 21.33
CA ARG B 330 -18.14 -2.46 21.87
C ARG B 330 -18.04 -3.50 20.77
N GLU B 331 -19.12 -3.69 20.00
CA GLU B 331 -19.13 -4.72 18.97
C GLU B 331 -18.11 -4.43 17.89
N LEU B 332 -18.01 -3.17 17.44
CA LEU B 332 -17.08 -2.84 16.35
C LEU B 332 -15.63 -2.96 16.80
N GLY B 333 -15.35 -2.66 18.07
CA GLY B 333 -13.99 -2.80 18.56
C GLY B 333 -13.57 -4.26 18.69
N ILE B 334 -14.49 -5.10 19.20
CA ILE B 334 -14.26 -6.53 19.22
C ILE B 334 -13.96 -7.03 17.82
N GLU B 335 -14.77 -6.61 16.85
CA GLU B 335 -14.59 -7.06 15.48
C GLU B 335 -13.22 -6.63 14.94
N ALA B 336 -12.83 -5.37 15.20
CA ALA B 336 -11.56 -4.86 14.66
C ALA B 336 -10.39 -5.69 15.15
N VAL B 337 -10.39 -6.05 16.44
CA VAL B 337 -9.28 -6.82 16.97
C VAL B 337 -9.36 -8.27 16.49
N ALA B 338 -10.58 -8.85 16.49
CA ALA B 338 -10.73 -10.25 16.10
C ALA B 338 -10.37 -10.48 14.64
N GLN B 339 -10.72 -9.54 13.75
CA GLN B 339 -10.41 -9.66 12.34
C GLN B 339 -8.98 -9.26 12.01
N GLY B 340 -8.23 -8.76 12.99
CA GLY B 340 -6.88 -8.29 12.74
C GLY B 340 -6.79 -6.92 12.11
N ASP B 341 -7.89 -6.16 12.09
CA ASP B 341 -7.86 -4.82 11.49
C ASP B 341 -7.09 -3.83 12.34
N ALA B 342 -6.95 -4.10 13.64
CA ALA B 342 -6.22 -3.22 14.52
C ALA B 342 -5.74 -4.01 15.72
N ASP B 343 -4.72 -3.48 16.40
CA ASP B 343 -4.21 -4.07 17.62
C ASP B 343 -4.89 -3.46 18.84
N LEU B 344 -5.16 -2.16 18.80
CA LEU B 344 -5.81 -1.44 19.88
C LEU B 344 -6.92 -0.61 19.29
N VAL B 345 -7.93 -0.30 20.10
CA VAL B 345 -9.07 0.50 19.65
C VAL B 345 -9.25 1.64 20.63
N SER B 346 -9.21 2.87 20.14
CA SER B 346 -9.37 4.01 21.03
C SER B 346 -10.79 4.53 20.94
N TYR B 347 -11.34 4.91 22.08
CA TYR B 347 -12.70 5.38 22.22
C TYR B 347 -12.67 6.80 22.75
N GLY B 348 -13.47 7.66 22.12
CA GLY B 348 -13.57 9.04 22.55
C GLY B 348 -14.85 9.30 23.33
N ARG B 349 -15.94 9.54 22.60
CA ARG B 349 -17.16 10.05 23.24
C ARG B 349 -17.68 9.10 24.31
N LEU B 350 -17.63 7.79 24.08
CA LEU B 350 -18.10 6.86 25.11
C LEU B 350 -17.22 6.91 26.36
N PHE B 351 -15.96 7.29 26.21
CA PHE B 351 -15.11 7.44 27.38
C PHE B 351 -15.42 8.73 28.13
N ILE B 352 -16.00 9.73 27.46
CA ILE B 352 -16.43 10.95 28.14
C ILE B 352 -17.48 10.62 29.20
N SER B 353 -18.46 9.81 28.82
CA SER B 353 -19.63 9.58 29.66
C SER B 353 -19.56 8.28 30.43
N ASN B 354 -18.57 7.43 30.18
CA ASN B 354 -18.39 6.18 30.91
C ASN B 354 -16.97 6.19 31.43
N PRO B 355 -16.73 6.76 32.61
CA PRO B 355 -15.37 6.74 33.16
C PRO B 355 -14.83 5.33 33.30
N ASP B 356 -15.70 4.36 33.55
CA ASP B 356 -15.34 2.95 33.61
C ASP B 356 -15.70 2.23 32.31
N LEU B 357 -15.45 2.87 31.16
CA LEU B 357 -15.77 2.26 29.88
C LEU B 357 -15.11 0.89 29.72
N VAL B 358 -13.88 0.73 30.22
CA VAL B 358 -13.20 -0.55 30.09
C VAL B 358 -13.99 -1.64 30.80
N MET B 359 -14.39 -1.37 32.06
CA MET B 359 -15.13 -2.38 32.81
C MET B 359 -16.49 -2.64 32.19
N ARG B 360 -17.18 -1.59 31.73
CA ARG B 360 -18.47 -1.80 31.09
C ARG B 360 -18.32 -2.67 29.86
N ILE B 361 -17.28 -2.44 29.06
CA ILE B 361 -17.06 -3.26 27.87
C ILE B 361 -16.77 -4.70 28.27
N LYS B 362 -15.96 -4.91 29.32
CA LYS B 362 -15.67 -6.27 29.78
C LYS B 362 -16.94 -6.97 30.25
N LEU B 363 -17.79 -6.27 30.99
CA LEU B 363 -19.03 -6.87 31.49
C LEU B 363 -20.14 -6.87 30.46
N ASN B 364 -19.96 -6.16 29.34
CA ASN B 364 -21.07 -5.85 28.43
C ASN B 364 -22.23 -5.22 29.21
N ALA B 365 -21.89 -4.26 30.05
CA ALA B 365 -22.88 -3.48 30.78
C ALA B 365 -23.35 -2.31 29.90
N PRO B 366 -24.59 -1.87 30.08
CA PRO B 366 -25.09 -0.74 29.29
C PRO B 366 -24.20 0.49 29.48
N LEU B 367 -24.04 1.25 28.41
CA LEU B 367 -23.24 2.46 28.40
C LEU B 367 -24.14 3.67 28.58
N ASN B 368 -23.61 4.70 29.25
CA ASN B 368 -24.37 5.92 29.44
C ASN B 368 -24.10 6.92 28.35
N LYS B 369 -25.13 7.69 28.01
CA LYS B 369 -25.03 8.72 26.98
C LYS B 369 -24.09 9.84 27.39
N TYR B 370 -23.58 10.55 26.38
CA TYR B 370 -22.73 11.71 26.57
C TYR B 370 -23.45 12.96 26.11
N ASN B 371 -23.07 14.09 26.69
CA ASN B 371 -23.75 15.37 26.45
C ASN B 371 -22.77 16.30 25.72
N ARG B 372 -22.99 16.44 24.41
CA ARG B 372 -22.19 17.32 23.56
C ARG B 372 -22.05 18.72 24.14
N LYS B 373 -23.06 19.20 24.86
CA LYS B 373 -23.07 20.58 25.34
C LYS B 373 -21.87 20.88 26.25
N THR B 374 -21.38 19.88 26.97
CA THR B 374 -20.29 20.11 27.92
C THR B 374 -18.98 19.46 27.48
N PHE B 375 -18.81 19.19 26.18
CA PHE B 375 -17.53 18.70 25.70
C PHE B 375 -16.42 19.73 25.92
N TYR B 376 -16.69 21.01 25.66
CA TYR B 376 -15.65 22.04 25.62
C TYR B 376 -15.84 23.16 26.63
N THR B 377 -16.76 23.00 27.57
CA THR B 377 -16.97 24.00 28.60
C THR B 377 -15.87 23.92 29.66
N GLN B 378 -15.84 24.89 30.57
CA GLN B 378 -14.69 25.02 31.47
C GLN B 378 -14.94 24.46 32.86
N ASP B 379 -16.14 23.97 33.15
CA ASP B 379 -16.47 23.56 34.50
C ASP B 379 -15.62 22.36 34.91
N PRO B 380 -14.98 22.41 36.08
CA PRO B 380 -14.08 21.31 36.47
C PRO B 380 -14.82 20.02 36.81
N VAL B 381 -16.14 20.07 36.96
CA VAL B 381 -16.93 18.91 37.35
C VAL B 381 -18.01 18.59 36.31
N VAL B 382 -18.83 19.58 35.96
CA VAL B 382 -20.07 19.33 35.24
C VAL B 382 -19.76 18.87 33.83
N GLY B 383 -20.25 17.69 33.48
CA GLY B 383 -19.98 17.14 32.17
C GLY B 383 -18.55 16.70 31.98
N TYR B 384 -17.78 16.64 33.07
CA TYR B 384 -16.36 16.32 33.01
C TYR B 384 -16.06 15.14 33.94
N THR B 385 -16.25 15.32 35.24
CA THR B 385 -15.99 14.25 36.19
C THR B 385 -17.23 13.75 36.91
N ASP B 386 -18.42 14.24 36.58
CA ASP B 386 -19.61 13.82 37.30
C ASP B 386 -20.45 12.80 36.53
N TYR B 387 -19.89 12.16 35.51
CA TYR B 387 -20.54 11.00 34.93
C TYR B 387 -20.30 9.80 35.85
N PRO B 388 -21.33 9.11 36.31
CA PRO B 388 -21.12 8.09 37.34
C PRO B 388 -20.54 6.79 36.78
N PHE B 389 -19.87 6.07 37.68
CA PHE B 389 -19.50 4.70 37.46
C PHE B 389 -20.73 3.80 37.54
N LEU B 390 -20.58 2.57 37.06
CA LEU B 390 -21.63 1.55 37.18
C LEU B 390 -22.26 1.49 38.58
N1 FMN C . 7.48 -11.49 -15.82
C2 FMN C . 6.19 -11.95 -15.88
O2 FMN C . 5.92 -12.84 -16.69
N3 FMN C . 5.20 -11.45 -15.10
C4 FMN C . 5.49 -10.46 -14.19
O4 FMN C . 4.59 -10.01 -13.50
C4A FMN C . 6.78 -9.98 -14.10
N5 FMN C . 7.09 -9.00 -13.20
C5A FMN C . 8.37 -8.49 -13.16
C6 FMN C . 8.65 -7.47 -12.26
C7 FMN C . 9.94 -6.94 -12.20
C7M FMN C . 10.23 -5.83 -11.23
C8 FMN C . 10.93 -7.46 -13.03
C8M FMN C . 12.33 -6.90 -12.97
C9 FMN C . 10.65 -8.48 -13.92
C9A FMN C . 9.36 -9.00 -13.98
N10 FMN C . 9.05 -10.02 -14.87
C10 FMN C . 7.77 -10.50 -14.92
C1' FMN C . 10.09 -10.57 -15.82
C2' FMN C . 9.99 -9.62 -17.04
O2' FMN C . 8.75 -9.79 -17.70
C3' FMN C . 11.09 -9.75 -18.07
O3' FMN C . 11.07 -11.01 -18.68
C4' FMN C . 12.49 -9.53 -17.51
O4' FMN C . 12.47 -8.34 -16.73
C5' FMN C . 13.43 -9.38 -18.70
O5' FMN C . 14.75 -9.23 -18.25
P FMN C . 15.40 -7.77 -18.21
O1P FMN C . 14.92 -7.00 -19.43
O2P FMN C . 14.89 -7.10 -16.96
O3P FMN C . 16.91 -7.91 -18.23
N1 O8I D . 7.16 -13.08 -12.38
C4 O8I D . 9.60 -13.27 -12.68
C5 O8I D . 7.38 -10.22 -9.61
C6 O8I D . 11.19 -14.96 -13.08
C7 O8I D . 12.46 -14.55 -12.34
C1 O8I D . 7.37 -11.70 -9.85
C2 O8I D . 8.57 -12.07 -10.69
C3 O8I D . 8.36 -12.82 -11.97
O1 O8I D . 10.08 -14.52 -12.34
O2 O8I D . 9.69 -11.81 -10.39
O3 O8I D . 10.17 -12.57 -13.45
O4 O8I D . 6.97 -13.78 -13.54
C1 PEG E . 22.44 -10.04 -18.81
O1 PEG E . 22.57 -10.71 -20.04
C2 PEG E . 22.20 -8.55 -19.06
O2 PEG E . 22.39 -7.82 -17.89
C3 PEG E . 21.28 -7.79 -17.05
C4 PEG E . 21.80 -7.56 -15.63
O4 PEG E . 21.26 -8.53 -14.76
C1 PEG F . 8.68 -15.35 -38.18
O1 PEG F . 7.58 -15.99 -37.59
C2 PEG F . 9.83 -16.36 -38.29
O2 PEG F . 10.96 -15.72 -38.83
C3 PEG F . 11.80 -16.59 -39.56
C4 PEG F . 13.19 -15.99 -39.64
O4 PEG F . 13.18 -14.67 -39.14
C1 PEG G . 15.88 -9.19 -11.59
O1 PEG G . 14.88 -8.24 -11.43
C2 PEG G . 16.87 -9.07 -10.43
O2 PEG G . 16.64 -7.88 -9.71
C3 PEG G . 17.79 -7.10 -9.57
C4 PEG G . 17.79 -6.06 -10.68
O4 PEG G . 19.09 -5.60 -10.92
N1 FMN H . -8.46 13.72 18.52
C2 FMN H . -7.17 14.17 18.60
O2 FMN H . -6.29 13.62 17.92
N3 FMN H . -6.85 15.22 19.42
C4 FMN H . -7.81 15.83 20.20
O4 FMN H . -7.49 16.75 20.93
C4A FMN H . -9.11 15.37 20.13
N5 FMN H . -10.10 15.97 20.88
C5A FMN H . -11.39 15.48 20.81
C6 FMN H . -12.38 16.08 21.59
C7 FMN H . -13.68 15.60 21.55
C7M FMN H . -14.74 16.25 22.41
C8 FMN H . -13.99 14.54 20.72
C8M FMN H . -15.39 14.00 20.66
C9 FMN H . -13.01 13.93 19.93
C9A FMN H . -11.70 14.41 19.98
N10 FMN H . -10.71 13.83 19.21
C10 FMN H . -9.43 14.32 19.29
C1' FMN H . -10.96 12.64 18.33
C2' FMN H . -10.80 11.45 19.30
O2' FMN H . -9.45 11.28 19.69
C3' FMN H . -11.32 10.10 18.82
O3' FMN H . -10.58 9.68 17.69
C4' FMN H . -12.80 10.08 18.46
O4' FMN H . -13.54 10.65 19.54
C5' FMN H . -13.17 8.62 18.28
O5' FMN H . -14.52 8.51 17.87
P FMN H . -15.64 8.13 18.95
O1P FMN H . -15.09 7.08 19.89
O2P FMN H . -15.95 9.42 19.71
O3P FMN H . -16.88 7.62 18.25
N1 O8I I . -8.94 17.11 17.03
C4 O8I I . -10.80 15.97 15.85
C5 O8I I . -11.39 19.20 19.54
C6 O8I I . -11.33 15.19 13.70
C7 O8I I . -12.83 15.35 13.50
C1 O8I I . -10.64 19.15 18.21
C2 O8I I . -11.17 18.04 17.32
C3 O8I I . -10.20 17.04 16.76
O1 O8I I . -10.88 16.26 14.49
O2 O8I I . -12.32 17.94 17.03
O3 O8I I . -11.20 14.94 16.30
O4 O8I I . -8.04 16.19 16.51
C1 PEG J . -4.80 -9.03 4.85
O1 PEG J . -5.73 -8.00 4.55
C2 PEG J . -4.04 -8.61 6.11
O2 PEG J . -3.34 -9.65 6.75
C3 PEG J . -2.60 -9.24 7.87
C4 PEG J . -1.44 -8.32 7.48
O4 PEG J . -1.38 -7.23 8.36
C1 PEG K . 12.06 1.02 20.68
O1 PEG K . 11.82 2.01 19.70
C2 PEG K . 13.23 1.42 21.58
O2 PEG K . 14.15 2.20 20.87
C3 PEG K . 14.15 3.55 21.22
C4 PEG K . 15.27 4.27 20.46
O4 PEG K . 14.74 4.89 19.30
#